data_6N91
#
_entry.id   6N91
#
_cell.length_a   134.906
_cell.length_b   134.906
_cell.length_c   136.144
_cell.angle_alpha   90.00
_cell.angle_beta   90.00
_cell.angle_gamma   120.00
#
_symmetry.space_group_name_H-M   'P 32 2 1'
#
loop_
_entity.id
_entity.type
_entity.pdbx_description
1 polymer 'Adenosine deaminase'
2 non-polymer "2'-DEOXYCOFORMYCIN"
3 non-polymer 'ZINC ION'
4 non-polymer '3-CYCLOHEXYL-1-PROPYLSULFONIC ACID'
5 non-polymer 'FORMIC ACID'
6 non-polymer 'SULFATE ION'
7 non-polymer 'PHOSPHATE ION'
8 non-polymer GLYCEROL
9 non-polymer 'SODIUM ION'
10 non-polymer 1,2-ETHANEDIOL
11 water water
#
_entity_poly.entity_id   1
_entity_poly.type   'polypeptide(L)'
_entity_poly.pdbx_seq_one_letter_code
;MITSSLPLTDLHRHLDGNIRTQTILELGQKFGVKLPANTLQTLTPYVQIVEAEPSLVAFLSKLDWGVAVLGDLDACRRVA
YENVEDALNARIDYAELRFSPYYMAMKHSLPVTGVVEAVVDGVRAGVRDFGIQANLIGIMSRTFGTDACQQELDAILSQK
NHIVAVDLAGDELGQPGDRFIQHFKQVRDAGLHVTVHAGEAAGPESMWQAIRDLGATRIGHGVKAIHDPKLMDYLAQHRI
GIESCLTSNLQTSTVDSLATHPLKRFLEHGILACINTDDPAVEGIELPYEYEVAAPQAGLSQEQIRQAQLNGLELAFLSD
SEKKALLAKAALRGHHHHHH
;
_entity_poly.pdbx_strand_id   A,B
#
loop_
_chem_comp.id
_chem_comp.type
_chem_comp.name
_chem_comp.formula
CXS non-polymer '3-CYCLOHEXYL-1-PROPYLSULFONIC ACID' 'C9 H19 N O3 S'
DCF non-polymer 2'-DEOXYCOFORMYCIN 'C11 H16 N4 O4'
EDO non-polymer 1,2-ETHANEDIOL 'C2 H6 O2'
FMT non-polymer 'FORMIC ACID' 'C H2 O2'
GOL non-polymer GLYCEROL 'C3 H8 O3'
NA non-polymer 'SODIUM ION' 'Na 1'
PO4 non-polymer 'PHOSPHATE ION' 'O4 P -3'
SO4 non-polymer 'SULFATE ION' 'O4 S -2'
ZN non-polymer 'ZINC ION' 'Zn 2'
#
# COMPACT_ATOMS: atom_id res chain seq x y z
N MET A 1 -7.30 -18.70 -7.00
CA MET A 1 -6.50 -19.58 -6.17
C MET A 1 -5.39 -20.26 -6.97
N ILE A 2 -4.23 -20.41 -6.32
CA ILE A 2 -3.12 -21.15 -6.89
C ILE A 2 -3.49 -22.63 -6.96
N THR A 3 -3.13 -23.28 -8.07
CA THR A 3 -3.28 -24.72 -8.21
C THR A 3 -1.98 -25.40 -7.77
N SER A 4 -2.09 -26.27 -6.76
CA SER A 4 -0.91 -26.88 -6.16
C SER A 4 -0.20 -27.83 -7.13
N SER A 5 -0.97 -28.55 -7.94
CA SER A 5 -0.45 -29.56 -8.86
C SER A 5 0.15 -28.97 -10.13
N LEU A 6 0.19 -27.63 -10.27
CA LEU A 6 0.82 -26.94 -11.40
C LEU A 6 2.03 -26.14 -10.93
N PRO A 7 3.07 -25.99 -11.75
CA PRO A 7 4.16 -25.08 -11.39
C PRO A 7 3.60 -23.68 -11.25
N LEU A 8 4.14 -22.92 -10.29
CA LEU A 8 3.81 -21.51 -10.13
C LEU A 8 5.00 -20.69 -10.58
N THR A 9 4.81 -19.88 -11.64
CA THR A 9 5.85 -19.02 -12.17
C THR A 9 5.58 -17.57 -11.81
N ASP A 10 6.63 -16.76 -11.82
CA ASP A 10 6.53 -15.31 -11.87
C ASP A 10 7.54 -14.87 -12.92
N LEU A 11 7.05 -14.46 -14.09
CA LEU A 11 7.90 -14.16 -15.24
C LEU A 11 8.21 -12.67 -15.39
N HIS A 12 7.51 -11.82 -14.63
CA HIS A 12 7.64 -10.37 -14.73
C HIS A 12 7.74 -9.86 -13.30
N ARG A 13 8.97 -9.80 -12.80
CA ARG A 13 9.24 -9.58 -11.39
C ARG A 13 10.56 -8.82 -11.28
N HIS A 14 10.50 -7.52 -10.99
CA HIS A 14 11.68 -6.66 -10.95
C HIS A 14 12.36 -6.81 -9.60
N LEU A 15 13.55 -7.41 -9.61
N LEU A 15 13.56 -7.36 -9.57
CA LEU A 15 14.36 -7.54 -8.41
CA LEU A 15 14.21 -7.53 -8.27
C LEU A 15 14.58 -6.20 -7.73
C LEU A 15 14.60 -6.17 -7.68
N ASP A 16 14.89 -5.17 -8.52
CA ASP A 16 15.22 -3.85 -8.00
C ASP A 16 14.00 -2.98 -7.78
N GLY A 17 12.79 -3.52 -7.99
CA GLY A 17 11.59 -2.90 -7.49
C GLY A 17 11.02 -3.74 -6.36
N ASN A 18 11.85 -4.60 -5.77
CA ASN A 18 11.39 -5.48 -4.70
C ASN A 18 12.40 -5.51 -3.56
N ILE A 19 12.70 -4.34 -3.01
CA ILE A 19 13.70 -4.24 -1.94
C ILE A 19 12.97 -4.07 -0.63
N ARG A 20 13.26 -4.94 0.35
CA ARG A 20 12.55 -4.90 1.62
C ARG A 20 12.77 -3.54 2.29
N THR A 21 11.70 -3.01 2.89
CA THR A 21 11.83 -1.73 3.59
C THR A 21 12.88 -1.81 4.70
N GLN A 22 12.91 -2.92 5.44
CA GLN A 22 13.94 -3.08 6.47
C GLN A 22 15.34 -3.01 5.85
N THR A 23 15.50 -3.56 4.65
CA THR A 23 16.80 -3.49 3.97
C THR A 23 17.11 -2.06 3.53
N ILE A 24 16.10 -1.31 3.07
CA ILE A 24 16.32 0.09 2.72
C ILE A 24 16.82 0.86 3.94
N LEU A 25 16.19 0.64 5.10
CA LEU A 25 16.60 1.32 6.32
C LEU A 25 18.02 0.96 6.72
N GLU A 26 18.38 -0.33 6.63
CA GLU A 26 19.69 -0.76 7.10
C GLU A 26 20.80 -0.30 6.17
N LEU A 27 20.60 -0.44 4.85
CA LEU A 27 21.59 0.03 3.89
C LEU A 27 21.66 1.55 3.86
N GLY A 28 20.50 2.21 3.99
CA GLY A 28 20.50 3.66 4.12
C GLY A 28 21.35 4.12 5.27
N GLN A 29 21.23 3.45 6.42
CA GLN A 29 22.07 3.79 7.56
C GLN A 29 23.53 3.40 7.30
N LYS A 30 23.75 2.26 6.65
CA LYS A 30 25.12 1.82 6.42
C LYS A 30 25.89 2.80 5.55
N PHE A 31 25.23 3.41 4.57
CA PHE A 31 25.91 4.30 3.64
C PHE A 31 25.63 5.77 3.91
N GLY A 32 24.92 6.09 5.00
CA GLY A 32 24.64 7.48 5.32
C GLY A 32 23.72 8.16 4.34
N VAL A 33 22.77 7.44 3.77
CA VAL A 33 21.77 8.01 2.87
C VAL A 33 20.65 8.60 3.72
N LYS A 34 20.42 9.90 3.58
CA LYS A 34 19.33 10.57 4.30
C LYS A 34 18.00 10.16 3.68
N LEU A 35 17.29 9.29 4.36
CA LEU A 35 15.97 8.83 3.95
C LEU A 35 14.90 9.78 4.45
N PRO A 36 13.69 9.78 3.86
CA PRO A 36 12.63 10.66 4.38
C PRO A 36 12.07 10.21 5.72
N ALA A 37 12.37 9.00 6.18
CA ALA A 37 11.85 8.52 7.46
C ALA A 37 12.79 7.43 7.97
N ASN A 38 12.65 7.10 9.26
CA ASN A 38 13.62 6.24 9.93
C ASN A 38 13.02 5.02 10.62
N THR A 39 11.73 4.75 10.45
CA THR A 39 11.14 3.52 10.96
C THR A 39 10.39 2.85 9.83
N LEU A 40 10.08 1.56 10.02
N LEU A 40 10.08 1.57 10.01
CA LEU A 40 9.33 0.81 9.02
CA LEU A 40 9.37 0.81 8.99
C LEU A 40 8.00 1.48 8.70
C LEU A 40 8.07 1.50 8.59
N GLN A 41 7.25 1.85 9.74
N GLN A 41 7.22 1.80 9.58
CA GLN A 41 5.89 2.37 9.53
CA GLN A 41 5.90 2.34 9.27
C GLN A 41 5.92 3.75 8.87
C GLN A 41 5.96 3.76 8.74
N THR A 42 6.90 4.59 9.20
CA THR A 42 6.97 5.94 8.67
C THR A 42 7.65 5.98 7.31
N LEU A 43 8.55 5.04 7.01
CA LEU A 43 9.16 5.00 5.68
C LEU A 43 8.25 4.37 4.63
N THR A 44 7.32 3.51 5.06
CA THR A 44 6.48 2.78 4.10
C THR A 44 5.85 3.65 3.01
N PRO A 45 5.18 4.76 3.31
CA PRO A 45 4.54 5.52 2.21
C PRO A 45 5.52 6.12 1.22
N TYR A 46 6.78 6.32 1.59
CA TYR A 46 7.75 6.87 0.63
C TYR A 46 8.31 5.83 -0.32
N VAL A 47 8.22 4.54 0.02
CA VAL A 47 8.78 3.47 -0.79
C VAL A 47 7.72 2.53 -1.33
N GLN A 48 6.45 2.77 -1.03
CA GLN A 48 5.35 1.91 -1.43
C GLN A 48 4.22 2.77 -1.96
N ILE A 49 3.52 2.28 -3.00
CA ILE A 49 2.36 2.99 -3.54
C ILE A 49 1.31 3.16 -2.45
N VAL A 50 0.82 4.39 -2.29
CA VAL A 50 -0.26 4.63 -1.32
C VAL A 50 -1.60 4.46 -2.03
N GLU A 51 -1.87 5.29 -3.03
CA GLU A 51 -2.98 5.02 -3.93
C GLU A 51 -2.46 5.16 -5.36
N ALA A 52 -3.28 4.76 -6.32
CA ALA A 52 -2.84 4.76 -7.72
C ALA A 52 -2.19 6.09 -8.10
N GLU A 53 -1.05 6.00 -8.76
CA GLU A 53 -0.37 7.15 -9.32
C GLU A 53 -1.02 7.53 -10.65
N PRO A 54 -0.94 8.80 -11.05
CA PRO A 54 -1.65 9.22 -12.26
C PRO A 54 -1.00 8.79 -13.56
N SER A 55 0.17 8.18 -13.51
CA SER A 55 0.88 7.85 -14.74
C SER A 55 1.92 6.80 -14.43
N LEU A 56 2.44 6.18 -15.49
CA LEU A 56 3.56 5.24 -15.34
C LEU A 56 4.79 5.93 -14.74
N VAL A 57 5.14 7.12 -15.21
N VAL A 57 5.13 7.12 -15.23
CA VAL A 57 6.36 7.74 -14.70
CA VAL A 57 6.32 7.82 -14.74
C VAL A 57 6.20 8.15 -13.23
C VAL A 57 6.19 8.12 -13.24
N ALA A 58 5.01 8.57 -12.82
CA ALA A 58 4.80 8.86 -11.40
C ALA A 58 4.97 7.60 -10.56
N PHE A 59 4.48 6.46 -11.04
CA PHE A 59 4.67 5.19 -10.35
C PHE A 59 6.16 4.83 -10.25
N LEU A 60 6.93 5.09 -11.31
CA LEU A 60 8.32 4.67 -11.32
C LEU A 60 9.17 5.36 -10.25
N SER A 61 8.81 6.59 -9.87
N SER A 61 8.81 6.58 -9.86
CA SER A 61 9.56 7.29 -8.83
CA SER A 61 9.60 7.27 -8.83
C SER A 61 9.55 6.54 -7.50
C SER A 61 9.56 6.55 -7.49
N LYS A 62 8.57 5.68 -7.25
CA LYS A 62 8.49 4.98 -5.98
C LYS A 62 9.62 3.96 -5.81
N LEU A 63 10.22 3.50 -6.89
CA LEU A 63 11.36 2.60 -6.79
C LEU A 63 12.66 3.31 -6.40
N ASP A 64 12.67 4.65 -6.40
CA ASP A 64 13.94 5.37 -6.33
C ASP A 64 14.65 5.18 -4.99
N TRP A 65 13.92 5.21 -3.87
CA TRP A 65 14.62 5.09 -2.58
C TRP A 65 15.29 3.72 -2.41
N GLY A 66 14.71 2.67 -2.98
CA GLY A 66 15.32 1.36 -2.85
C GLY A 66 16.69 1.28 -3.51
N VAL A 67 16.82 1.80 -4.73
CA VAL A 67 18.14 1.78 -5.36
C VAL A 67 19.04 2.90 -4.89
N ALA A 68 18.51 3.91 -4.18
CA ALA A 68 19.36 4.97 -3.64
C ALA A 68 20.28 4.47 -2.54
N VAL A 69 20.00 3.31 -1.95
CA VAL A 69 20.80 2.81 -0.83
C VAL A 69 21.78 1.73 -1.26
N LEU A 70 21.91 1.48 -2.57
CA LEU A 70 22.85 0.46 -3.06
C LEU A 70 24.25 1.08 -3.12
N GLY A 71 24.89 1.14 -1.94
CA GLY A 71 26.14 1.87 -1.81
C GLY A 71 27.39 1.13 -2.26
N ASP A 72 27.31 -0.20 -2.44
CA ASP A 72 28.44 -0.95 -2.95
C ASP A 72 27.90 -2.21 -3.62
N LEU A 73 28.81 -3.01 -4.20
CA LEU A 73 28.39 -4.19 -4.94
C LEU A 73 27.82 -5.27 -4.01
N ASP A 74 28.33 -5.36 -2.78
N ASP A 74 28.29 -5.36 -2.78
CA ASP A 74 27.77 -6.28 -1.79
CA ASP A 74 27.71 -6.35 -1.86
C ASP A 74 26.29 -6.00 -1.55
C ASP A 74 26.27 -6.01 -1.52
N ALA A 75 25.89 -4.72 -1.57
CA ALA A 75 24.48 -4.36 -1.40
C ALA A 75 23.63 -4.94 -2.52
N CYS A 76 24.14 -4.92 -3.75
CA CYS A 76 23.40 -5.49 -4.87
C CYS A 76 23.28 -7.01 -4.73
N ARG A 77 24.38 -7.65 -4.32
N ARG A 77 24.37 -7.66 -4.32
CA ARG A 77 24.33 -9.09 -4.04
CA ARG A 77 24.30 -9.10 -4.06
C ARG A 77 23.29 -9.41 -2.97
C ARG A 77 23.26 -9.40 -2.99
N ARG A 78 23.22 -8.58 -1.92
CA ARG A 78 22.26 -8.81 -0.84
C ARG A 78 20.82 -8.72 -1.34
N VAL A 79 20.49 -7.68 -2.11
N VAL A 79 20.50 -7.66 -2.08
CA VAL A 79 19.09 -7.54 -2.52
CA VAL A 79 19.14 -7.48 -2.57
C VAL A 79 18.72 -8.59 -3.54
C VAL A 79 18.75 -8.66 -3.47
N ALA A 80 19.70 -9.10 -4.30
CA ALA A 80 19.43 -10.21 -5.21
C ALA A 80 19.15 -11.50 -4.42
N TYR A 81 19.99 -11.77 -3.41
CA TYR A 81 19.79 -12.94 -2.55
C TYR A 81 18.45 -12.89 -1.84
N GLU A 82 18.12 -11.73 -1.24
CA GLU A 82 16.84 -11.58 -0.55
C GLU A 82 15.65 -11.75 -1.49
N ASN A 83 15.82 -11.38 -2.76
CA ASN A 83 14.74 -11.57 -3.72
C ASN A 83 14.45 -13.05 -3.96
N VAL A 84 15.47 -13.90 -3.91
CA VAL A 84 15.20 -15.33 -4.07
C VAL A 84 14.42 -15.85 -2.88
N GLU A 85 14.78 -15.39 -1.67
CA GLU A 85 14.03 -15.79 -0.48
C GLU A 85 12.58 -15.33 -0.55
N ASP A 86 12.34 -14.11 -1.06
CA ASP A 86 10.98 -13.60 -1.16
C ASP A 86 10.16 -14.39 -2.17
N ALA A 87 10.78 -14.79 -3.28
CA ALA A 87 10.10 -15.61 -4.27
C ALA A 87 9.73 -16.97 -3.68
N LEU A 88 10.65 -17.58 -2.94
CA LEU A 88 10.33 -18.82 -2.23
C LEU A 88 9.12 -18.64 -1.33
N ASN A 89 9.10 -17.58 -0.53
CA ASN A 89 8.01 -17.40 0.41
C ASN A 89 6.69 -17.04 -0.26
N ALA A 90 6.76 -16.56 -1.51
CA ALA A 90 5.57 -16.31 -2.31
C ALA A 90 5.09 -17.54 -3.07
N ARG A 91 5.58 -18.74 -2.71
N ARG A 91 5.59 -18.73 -2.71
CA ARG A 91 5.16 -20.03 -3.25
CA ARG A 91 5.18 -20.02 -3.25
C ARG A 91 5.59 -20.25 -4.70
C ARG A 91 5.53 -20.18 -4.73
N ILE A 92 6.50 -19.43 -5.24
CA ILE A 92 6.91 -19.55 -6.63
C ILE A 92 7.83 -20.75 -6.81
N ASP A 93 7.56 -21.57 -7.83
CA ASP A 93 8.48 -22.65 -8.18
C ASP A 93 9.58 -22.21 -9.15
N TYR A 94 9.28 -21.28 -10.04
CA TYR A 94 10.26 -20.81 -11.01
C TYR A 94 10.04 -19.31 -11.19
N ALA A 95 11.09 -18.52 -10.95
CA ALA A 95 11.00 -17.08 -11.09
C ALA A 95 11.99 -16.59 -12.13
N GLU A 96 11.55 -15.68 -12.99
CA GLU A 96 12.46 -14.88 -13.79
C GLU A 96 12.59 -13.53 -13.11
N LEU A 97 13.78 -13.22 -12.61
CA LEU A 97 14.02 -11.95 -11.91
C LEU A 97 14.65 -10.99 -12.90
N ARG A 98 14.00 -9.86 -13.15
CA ARG A 98 14.58 -8.88 -14.05
C ARG A 98 15.15 -7.70 -13.25
N PHE A 99 16.19 -7.09 -13.79
CA PHE A 99 16.86 -6.02 -13.05
C PHE A 99 17.58 -5.11 -14.03
N SER A 100 17.65 -3.84 -13.68
CA SER A 100 18.39 -2.86 -14.50
C SER A 100 19.69 -2.52 -13.78
N PRO A 101 20.83 -3.07 -14.19
CA PRO A 101 22.07 -2.78 -13.45
C PRO A 101 22.48 -1.32 -13.54
N TYR A 102 22.16 -0.63 -14.64
CA TYR A 102 22.45 0.80 -14.73
C TYR A 102 21.67 1.57 -13.68
N TYR A 103 20.37 1.27 -13.56
CA TYR A 103 19.52 1.92 -12.57
C TYR A 103 20.02 1.66 -11.16
N MET A 104 20.35 0.39 -10.85
CA MET A 104 20.88 0.04 -9.54
C MET A 104 22.19 0.77 -9.25
N ALA A 105 23.03 0.93 -10.26
CA ALA A 105 24.36 1.48 -10.03
C ALA A 105 24.40 3.00 -9.98
N MET A 106 23.36 3.67 -10.49
N MET A 106 23.36 3.70 -10.43
CA MET A 106 23.43 5.11 -10.75
CA MET A 106 23.59 5.11 -10.77
C MET A 106 23.79 5.89 -9.49
C MET A 106 23.66 6.04 -9.56
N LYS A 107 22.99 5.74 -8.45
CA LYS A 107 23.04 6.67 -7.30
C LYS A 107 24.43 6.72 -6.69
N HIS A 108 25.13 5.59 -6.60
CA HIS A 108 26.47 5.62 -6.04
C HIS A 108 27.55 5.34 -7.09
N SER A 109 27.22 5.50 -8.38
CA SER A 109 28.19 5.34 -9.47
C SER A 109 28.92 4.00 -9.39
N LEU A 110 28.18 2.93 -9.22
CA LEU A 110 28.79 1.61 -9.17
C LEU A 110 29.18 1.18 -10.58
N PRO A 111 30.19 0.31 -10.71
CA PRO A 111 30.51 -0.24 -12.05
C PRO A 111 29.39 -1.14 -12.50
N VAL A 112 28.82 -0.82 -13.67
CA VAL A 112 27.60 -1.51 -14.10
C VAL A 112 27.88 -2.99 -14.34
N THR A 113 29.05 -3.32 -14.86
CA THR A 113 29.39 -4.74 -15.01
C THR A 113 29.54 -5.40 -13.65
N GLY A 114 30.15 -4.72 -12.69
CA GLY A 114 30.20 -5.25 -11.33
C GLY A 114 28.83 -5.53 -10.76
N VAL A 115 27.85 -4.68 -11.07
CA VAL A 115 26.50 -4.89 -10.54
C VAL A 115 25.89 -6.16 -11.13
N VAL A 116 26.07 -6.38 -12.44
CA VAL A 116 25.57 -7.61 -13.07
C VAL A 116 26.20 -8.83 -12.40
N GLU A 117 27.52 -8.80 -12.19
CA GLU A 117 28.18 -9.94 -11.56
C GLU A 117 27.66 -10.17 -10.14
N ALA A 118 27.40 -9.10 -9.40
CA ALA A 118 26.94 -9.26 -8.01
C ALA A 118 25.54 -9.85 -7.98
N VAL A 119 24.67 -9.42 -8.88
CA VAL A 119 23.32 -9.95 -8.95
C VAL A 119 23.34 -11.42 -9.34
N VAL A 120 24.21 -11.80 -10.28
CA VAL A 120 24.35 -13.21 -10.63
C VAL A 120 24.78 -14.02 -9.41
N ASP A 121 25.81 -13.54 -8.71
N ASP A 121 25.79 -13.52 -8.69
CA ASP A 121 26.29 -14.24 -7.51
CA ASP A 121 26.29 -14.24 -7.51
C ASP A 121 25.19 -14.34 -6.46
C ASP A 121 25.22 -14.33 -6.43
N GLY A 122 24.44 -13.27 -6.24
CA GLY A 122 23.40 -13.29 -5.21
C GLY A 122 22.26 -14.23 -5.53
N VAL A 123 21.81 -14.26 -6.79
CA VAL A 123 20.74 -15.18 -7.17
C VAL A 123 21.24 -16.62 -7.17
N ARG A 124 22.50 -16.85 -7.56
CA ARG A 124 23.06 -18.20 -7.50
C ARG A 124 23.14 -18.69 -6.05
N ALA A 125 23.61 -17.84 -5.13
CA ALA A 125 23.63 -18.24 -3.73
C ALA A 125 22.21 -18.44 -3.18
N GLY A 126 21.28 -17.58 -3.61
CA GLY A 126 19.89 -17.75 -3.18
C GLY A 126 19.26 -19.04 -3.69
N VAL A 127 19.52 -19.38 -4.95
CA VAL A 127 19.01 -20.64 -5.50
C VAL A 127 19.58 -21.82 -4.73
N ARG A 128 20.86 -21.74 -4.37
CA ARG A 128 21.48 -22.80 -3.58
C ARG A 128 20.84 -22.90 -2.19
N ASP A 129 20.56 -21.77 -1.56
CA ASP A 129 20.11 -21.81 -0.17
C ASP A 129 18.62 -22.03 -0.02
N PHE A 130 17.82 -21.62 -1.00
CA PHE A 130 16.37 -21.65 -0.87
C PHE A 130 15.68 -22.66 -1.78
N GLY A 131 16.36 -23.15 -2.82
CA GLY A 131 15.89 -24.33 -3.51
C GLY A 131 14.83 -24.14 -4.58
N ILE A 132 14.52 -22.91 -4.98
CA ILE A 132 13.61 -22.73 -6.11
C ILE A 132 14.43 -22.63 -7.39
N GLN A 133 13.76 -22.61 -8.53
CA GLN A 133 14.40 -22.40 -9.81
C GLN A 133 14.27 -20.94 -10.19
N ALA A 134 15.29 -20.40 -10.84
CA ALA A 134 15.28 -18.99 -11.18
C ALA A 134 16.17 -18.76 -12.39
N ASN A 135 15.79 -17.77 -13.20
CA ASN A 135 16.63 -17.25 -14.25
C ASN A 135 16.62 -15.74 -14.17
N LEU A 136 17.57 -15.11 -14.85
CA LEU A 136 17.75 -13.67 -14.80
C LEU A 136 17.40 -13.04 -16.15
N ILE A 137 16.82 -11.84 -16.10
CA ILE A 137 16.54 -11.03 -17.28
C ILE A 137 17.18 -9.67 -17.06
N GLY A 138 18.06 -9.26 -17.96
CA GLY A 138 18.68 -7.95 -17.87
C GLY A 138 17.80 -6.91 -18.53
N ILE A 139 17.59 -5.78 -17.84
CA ILE A 139 16.75 -4.70 -18.34
C ILE A 139 17.63 -3.58 -18.88
N MET A 140 17.28 -3.08 -20.07
CA MET A 140 17.71 -1.75 -20.48
C MET A 140 16.66 -0.73 -20.03
N SER A 141 17.05 0.17 -19.12
CA SER A 141 16.14 1.20 -18.62
C SER A 141 16.07 2.32 -19.68
N ARG A 142 15.05 2.27 -20.52
CA ARG A 142 14.92 3.21 -21.65
C ARG A 142 14.93 4.66 -21.16
N THR A 143 14.50 4.89 -19.92
CA THR A 143 14.38 6.22 -19.35
C THR A 143 15.66 7.03 -19.48
N PHE A 144 16.82 6.38 -19.39
CA PHE A 144 18.07 7.09 -19.30
C PHE A 144 18.75 7.26 -20.65
N GLY A 145 18.08 6.87 -21.74
CA GLY A 145 18.51 7.16 -23.09
C GLY A 145 19.32 6.01 -23.70
N THR A 146 19.56 6.13 -25.00
CA THR A 146 20.12 5.02 -25.76
C THR A 146 21.57 4.75 -25.39
N ASP A 147 22.36 5.80 -25.09
CA ASP A 147 23.75 5.60 -24.70
C ASP A 147 23.87 4.84 -23.39
N ALA A 148 23.08 5.23 -22.39
CA ALA A 148 23.08 4.49 -21.12
C ALA A 148 22.62 3.05 -21.33
N CYS A 149 21.63 2.85 -22.20
CA CYS A 149 21.14 1.50 -22.47
C CYS A 149 22.17 0.66 -23.21
N GLN A 150 23.00 1.26 -24.05
CA GLN A 150 24.09 0.52 -24.66
C GLN A 150 25.12 0.10 -23.62
N GLN A 151 25.51 1.03 -22.73
N GLN A 151 25.50 1.03 -22.72
CA GLN A 151 26.40 0.66 -21.64
CA GLN A 151 26.40 0.65 -21.63
C GLN A 151 25.80 -0.44 -20.78
C GLN A 151 25.80 -0.45 -20.78
N GLU A 152 24.50 -0.37 -20.53
CA GLU A 152 23.83 -1.40 -19.75
C GLU A 152 23.79 -2.73 -20.49
N LEU A 153 23.48 -2.69 -21.79
CA LEU A 153 23.51 -3.90 -22.62
C LEU A 153 24.89 -4.54 -22.63
N ASP A 154 25.95 -3.74 -22.78
CA ASP A 154 27.30 -4.31 -22.75
C ASP A 154 27.55 -5.07 -21.45
N ALA A 155 27.15 -4.48 -20.32
CA ALA A 155 27.33 -5.15 -19.02
C ALA A 155 26.53 -6.44 -18.95
N ILE A 156 25.28 -6.41 -19.40
CA ILE A 156 24.44 -7.60 -19.39
C ILE A 156 25.09 -8.70 -20.24
N LEU A 157 25.50 -8.36 -21.47
CA LEU A 157 26.05 -9.37 -22.37
C LEU A 157 27.35 -9.98 -21.87
N SER A 158 28.09 -9.28 -21.02
CA SER A 158 29.30 -9.87 -20.47
C SER A 158 28.99 -11.03 -19.53
N GLN A 159 27.74 -11.18 -19.10
CA GLN A 159 27.31 -12.34 -18.32
C GLN A 159 26.21 -13.11 -19.03
N LYS A 160 26.26 -13.17 -20.37
CA LYS A 160 25.17 -13.74 -21.14
C LYS A 160 25.00 -15.23 -20.87
N ASN A 161 26.06 -15.90 -20.43
CA ASN A 161 25.94 -17.31 -20.04
C ASN A 161 25.05 -17.52 -18.83
N HIS A 162 24.69 -16.45 -18.10
CA HIS A 162 23.88 -16.59 -16.89
C HIS A 162 22.56 -15.83 -16.98
N ILE A 163 22.24 -15.30 -18.15
CA ILE A 163 21.07 -14.46 -18.34
C ILE A 163 20.33 -15.01 -19.55
N VAL A 164 19.00 -15.09 -19.47
CA VAL A 164 18.23 -15.74 -20.52
C VAL A 164 17.58 -14.76 -21.50
N ALA A 165 17.45 -13.49 -21.12
CA ALA A 165 16.72 -12.55 -21.96
C ALA A 165 17.08 -11.13 -21.57
N VAL A 166 16.75 -10.20 -22.47
CA VAL A 166 16.88 -8.78 -22.23
C VAL A 166 15.51 -8.14 -22.39
N ASP A 167 15.23 -7.17 -21.52
CA ASP A 167 13.96 -6.46 -21.43
C ASP A 167 14.19 -4.98 -21.73
N LEU A 168 13.12 -4.28 -22.09
CA LEU A 168 13.13 -2.82 -22.18
C LEU A 168 12.06 -2.29 -21.22
N ALA A 169 12.46 -1.47 -20.25
CA ALA A 169 11.52 -1.02 -19.22
C ALA A 169 11.75 0.46 -18.91
N GLY A 170 10.84 1.05 -18.15
CA GLY A 170 10.90 2.46 -17.79
C GLY A 170 9.87 3.31 -18.52
N ASP A 171 10.25 4.54 -18.89
CA ASP A 171 9.34 5.56 -19.44
C ASP A 171 9.03 5.23 -20.90
N GLU A 172 7.92 4.52 -21.12
CA GLU A 172 7.56 4.06 -22.46
C GLU A 172 7.18 5.23 -23.37
N LEU A 173 6.41 6.19 -22.85
CA LEU A 173 5.99 7.33 -23.66
C LEU A 173 7.19 8.19 -24.05
N GLY A 174 8.13 8.40 -23.13
CA GLY A 174 9.25 9.29 -23.40
C GLY A 174 10.33 8.70 -24.27
N GLN A 175 10.46 7.37 -24.30
CA GLN A 175 11.56 6.70 -25.02
C GLN A 175 10.98 5.52 -25.79
N PRO A 176 10.35 5.78 -26.94
CA PRO A 176 9.67 4.71 -27.68
C PRO A 176 10.63 3.65 -28.17
N GLY A 177 10.08 2.48 -28.48
CA GLY A 177 10.87 1.31 -28.79
C GLY A 177 11.67 1.42 -30.07
N ASP A 178 11.27 2.30 -31.00
CA ASP A 178 12.05 2.41 -32.23
C ASP A 178 13.42 3.03 -32.01
N ARG A 179 13.71 3.51 -30.80
CA ARG A 179 15.05 4.00 -30.51
C ARG A 179 16.02 2.90 -30.12
N PHE A 180 15.55 1.66 -29.96
CA PHE A 180 16.37 0.58 -29.41
C PHE A 180 16.48 -0.60 -30.35
N ILE A 181 16.27 -0.38 -31.65
CA ILE A 181 16.31 -1.47 -32.62
C ILE A 181 17.71 -2.08 -32.68
N GLN A 182 18.75 -1.25 -32.66
CA GLN A 182 20.09 -1.80 -32.80
C GLN A 182 20.54 -2.46 -31.50
N HIS A 183 20.05 -1.99 -30.35
CA HIS A 183 20.29 -2.70 -29.09
C HIS A 183 19.74 -4.13 -29.17
N PHE A 184 18.49 -4.28 -29.61
CA PHE A 184 17.92 -5.61 -29.60
C PHE A 184 18.45 -6.48 -30.73
N LYS A 185 18.98 -5.89 -31.80
N LYS A 185 18.99 -5.91 -31.80
CA LYS A 185 19.72 -6.65 -32.79
CA LYS A 185 19.72 -6.75 -32.75
C LYS A 185 20.95 -7.31 -32.17
C LYS A 185 20.90 -7.43 -32.06
N GLN A 186 21.58 -6.65 -31.20
N GLN A 186 21.63 -6.70 -31.22
CA GLN A 186 22.71 -7.25 -30.50
CA GLN A 186 22.75 -7.28 -30.49
C GLN A 186 22.24 -8.35 -29.56
C GLN A 186 22.26 -8.35 -29.52
N VAL A 187 21.08 -8.16 -28.93
CA VAL A 187 20.53 -9.16 -28.02
C VAL A 187 20.27 -10.47 -28.76
N ARG A 188 19.61 -10.38 -29.91
CA ARG A 188 19.26 -11.59 -30.64
C ARG A 188 20.48 -12.23 -31.27
N ASP A 189 21.43 -11.42 -31.76
CA ASP A 189 22.66 -12.01 -32.31
C ASP A 189 23.44 -12.77 -31.23
N ALA A 190 23.32 -12.34 -29.96
CA ALA A 190 23.93 -13.06 -28.85
C ALA A 190 23.13 -14.30 -28.43
N GLY A 191 21.96 -14.52 -29.03
CA GLY A 191 21.19 -15.70 -28.71
C GLY A 191 20.30 -15.56 -27.49
N LEU A 192 20.04 -14.33 -27.03
N LEU A 192 20.02 -14.34 -27.05
CA LEU A 192 19.15 -14.15 -25.89
CA LEU A 192 19.16 -14.13 -25.89
C LEU A 192 17.71 -13.92 -26.34
C LEU A 192 17.72 -13.89 -26.33
N HIS A 193 16.78 -14.29 -25.48
CA HIS A 193 15.38 -14.03 -25.71
C HIS A 193 15.07 -12.55 -25.49
N VAL A 194 13.89 -12.14 -25.94
CA VAL A 194 13.46 -10.74 -25.91
C VAL A 194 12.07 -10.64 -25.30
N THR A 195 11.95 -9.88 -24.21
CA THR A 195 10.66 -9.39 -23.74
C THR A 195 10.72 -7.87 -23.71
N VAL A 196 9.59 -7.21 -23.90
CA VAL A 196 9.56 -5.74 -24.00
C VAL A 196 8.32 -5.22 -23.27
N HIS A 197 8.52 -4.24 -22.38
CA HIS A 197 7.37 -3.50 -21.83
C HIS A 197 6.74 -2.69 -22.95
N ALA A 198 5.48 -2.97 -23.30
CA ALA A 198 4.86 -2.22 -24.40
C ALA A 198 3.34 -2.27 -24.28
N GLY A 199 2.69 -1.22 -24.75
CA GLY A 199 1.25 -1.15 -24.64
C GLY A 199 0.77 -0.97 -23.22
N GLU A 200 1.58 -0.32 -22.39
CA GLU A 200 1.20 0.03 -21.03
C GLU A 200 0.81 1.51 -20.99
N ALA A 201 1.79 2.40 -21.02
CA ALA A 201 1.50 3.83 -21.14
C ALA A 201 1.22 4.22 -22.59
N ALA A 202 1.92 3.61 -23.54
CA ALA A 202 1.70 3.91 -24.95
C ALA A 202 0.65 2.96 -25.53
N GLY A 203 0.35 3.12 -26.82
CA GLY A 203 -0.73 2.38 -27.43
C GLY A 203 -0.32 1.11 -28.15
N PRO A 204 -1.26 0.54 -28.91
CA PRO A 204 -0.96 -0.70 -29.66
C PRO A 204 0.21 -0.58 -30.62
N GLU A 205 0.46 0.62 -31.17
CA GLU A 205 1.58 0.77 -32.09
C GLU A 205 2.90 0.43 -31.41
N SER A 206 3.00 0.61 -30.10
CA SER A 206 4.22 0.24 -29.39
C SER A 206 4.40 -1.27 -29.32
N MET A 207 3.29 -2.00 -29.13
CA MET A 207 3.34 -3.47 -29.13
C MET A 207 3.69 -4.01 -30.49
N TRP A 208 3.08 -3.48 -31.57
CA TRP A 208 3.43 -3.91 -32.92
C TRP A 208 4.91 -3.70 -33.19
N GLN A 209 5.45 -2.53 -32.81
CA GLN A 209 6.85 -2.24 -33.05
C GLN A 209 7.75 -3.21 -32.28
N ALA A 210 7.40 -3.51 -31.03
CA ALA A 210 8.21 -4.45 -30.24
C ALA A 210 8.23 -5.83 -30.89
N ILE A 211 7.06 -6.26 -31.39
CA ILE A 211 6.95 -7.58 -32.00
C ILE A 211 7.72 -7.63 -33.32
N ARG A 212 7.49 -6.62 -34.18
CA ARG A 212 8.02 -6.68 -35.54
C ARG A 212 9.49 -6.31 -35.62
N ASP A 213 9.91 -5.29 -34.86
CA ASP A 213 11.23 -4.69 -35.05
C ASP A 213 12.22 -4.98 -33.93
N LEU A 214 11.74 -5.29 -32.73
CA LEU A 214 12.61 -5.70 -31.64
C LEU A 214 12.64 -7.21 -31.46
N GLY A 215 11.77 -7.93 -32.16
CA GLY A 215 11.70 -9.38 -32.04
C GLY A 215 11.19 -9.89 -30.70
N ALA A 216 10.32 -9.14 -30.03
CA ALA A 216 9.77 -9.62 -28.75
C ALA A 216 8.90 -10.86 -28.96
N THR A 217 9.11 -11.89 -28.16
CA THR A 217 8.19 -13.03 -28.15
C THR A 217 7.31 -13.02 -26.90
N ARG A 218 7.57 -12.10 -25.97
CA ARG A 218 6.71 -11.80 -24.84
C ARG A 218 6.65 -10.28 -24.69
N ILE A 219 5.51 -9.79 -24.21
N ILE A 219 5.52 -9.79 -24.19
CA ILE A 219 5.27 -8.36 -24.01
CA ILE A 219 5.29 -8.37 -24.01
C ILE A 219 4.87 -8.14 -22.57
C ILE A 219 4.86 -8.14 -22.57
N GLY A 220 5.54 -7.21 -21.89
CA GLY A 220 5.14 -6.83 -20.54
C GLY A 220 3.90 -5.95 -20.63
N HIS A 221 2.84 -6.33 -19.92
CA HIS A 221 1.55 -5.63 -19.85
C HIS A 221 0.74 -5.81 -21.13
N GLY A 222 1.04 -5.05 -22.18
CA GLY A 222 0.27 -5.22 -23.41
C GLY A 222 -1.21 -4.91 -23.30
N VAL A 223 -1.59 -4.10 -22.30
N VAL A 223 -1.62 -4.12 -22.31
CA VAL A 223 -2.98 -3.82 -21.99
CA VAL A 223 -3.07 -3.98 -22.08
C VAL A 223 -3.71 -3.23 -23.20
C VAL A 223 -3.76 -3.19 -23.18
N LYS A 224 -3.04 -2.31 -23.91
CA LYS A 224 -3.68 -1.56 -24.97
C LYS A 224 -4.04 -2.41 -26.19
N ALA A 225 -3.58 -3.66 -26.27
CA ALA A 225 -4.02 -4.52 -27.37
C ALA A 225 -5.52 -4.73 -27.38
N ILE A 226 -6.20 -4.53 -26.25
CA ILE A 226 -7.65 -4.68 -26.21
C ILE A 226 -8.36 -3.75 -27.19
N HIS A 227 -7.69 -2.67 -27.64
CA HIS A 227 -8.24 -1.73 -28.60
C HIS A 227 -7.93 -2.09 -30.05
N ASP A 228 -7.23 -3.19 -30.31
CA ASP A 228 -6.75 -3.50 -31.65
C ASP A 228 -7.09 -4.96 -31.96
N PRO A 229 -8.26 -5.20 -32.56
CA PRO A 229 -8.67 -6.60 -32.80
C PRO A 229 -7.69 -7.40 -33.65
N LYS A 230 -7.09 -6.76 -34.66
CA LYS A 230 -6.08 -7.45 -35.46
C LYS A 230 -4.86 -7.80 -34.63
N LEU A 231 -4.46 -6.91 -33.70
CA LEU A 231 -3.35 -7.24 -32.82
C LEU A 231 -3.69 -8.42 -31.92
N MET A 232 -4.89 -8.39 -31.32
CA MET A 232 -5.30 -9.53 -30.51
C MET A 232 -5.32 -10.81 -31.32
N ASP A 233 -5.76 -10.75 -32.58
CA ASP A 233 -5.68 -11.92 -33.46
C ASP A 233 -4.24 -12.37 -33.63
N TYR A 234 -3.33 -11.42 -33.87
CA TYR A 234 -1.93 -11.77 -34.07
C TYR A 234 -1.33 -12.40 -32.81
N LEU A 235 -1.59 -11.81 -31.64
CA LEU A 235 -1.05 -12.36 -30.41
C LEU A 235 -1.47 -13.81 -30.21
N ALA A 236 -2.73 -14.11 -30.52
CA ALA A 236 -3.22 -15.48 -30.34
C ALA A 236 -2.57 -16.44 -31.32
N GLN A 237 -2.54 -16.08 -32.60
N GLN A 237 -2.54 -16.12 -32.61
CA GLN A 237 -2.06 -16.98 -33.64
CA GLN A 237 -2.05 -17.14 -33.54
C GLN A 237 -0.56 -17.23 -33.51
C GLN A 237 -0.52 -17.24 -33.59
N HIS A 238 0.21 -16.19 -33.20
CA HIS A 238 1.65 -16.30 -33.12
C HIS A 238 2.14 -16.65 -31.72
N ARG A 239 1.22 -16.87 -30.77
N ARG A 239 1.23 -16.86 -30.77
CA ARG A 239 1.57 -17.33 -29.43
CA ARG A 239 1.56 -17.33 -29.43
C ARG A 239 2.52 -16.38 -28.73
C ARG A 239 2.52 -16.38 -28.72
N ILE A 240 2.25 -15.09 -28.86
N ILE A 240 2.36 -15.08 -28.98
CA ILE A 240 3.08 -14.06 -28.22
CA ILE A 240 3.09 -14.07 -28.23
C ILE A 240 2.61 -13.87 -26.79
C ILE A 240 2.59 -14.07 -26.79
N GLY A 241 3.53 -14.02 -25.84
CA GLY A 241 3.14 -13.97 -24.44
C GLY A 241 2.76 -12.58 -23.98
N ILE A 242 1.76 -12.51 -23.10
CA ILE A 242 1.35 -11.28 -22.44
C ILE A 242 1.60 -11.47 -20.95
N GLU A 243 2.50 -10.67 -20.40
CA GLU A 243 2.86 -10.75 -18.98
C GLU A 243 1.93 -9.78 -18.25
N SER A 244 0.83 -10.28 -17.72
CA SER A 244 -0.17 -9.42 -17.09
C SER A 244 0.20 -9.17 -15.65
N CYS A 245 0.04 -7.91 -15.22
CA CYS A 245 0.35 -7.49 -13.85
C CYS A 245 -0.84 -6.67 -13.34
N LEU A 246 -1.76 -7.32 -12.63
CA LEU A 246 -3.06 -6.71 -12.36
C LEU A 246 -2.95 -5.49 -11.46
N THR A 247 -2.37 -5.67 -10.28
CA THR A 247 -2.24 -4.55 -9.34
C THR A 247 -1.40 -3.43 -9.92
N SER A 248 -0.31 -3.78 -10.60
CA SER A 248 0.55 -2.78 -11.21
C SER A 248 -0.26 -1.87 -12.15
N ASN A 249 -1.09 -2.46 -13.02
CA ASN A 249 -1.85 -1.68 -13.99
C ASN A 249 -2.84 -0.74 -13.31
N LEU A 250 -3.39 -1.13 -12.16
CA LEU A 250 -4.21 -0.22 -11.38
C LEU A 250 -3.38 0.92 -10.82
N GLN A 251 -2.20 0.62 -10.29
CA GLN A 251 -1.41 1.60 -9.56
C GLN A 251 -0.68 2.59 -10.48
N THR A 252 -0.55 2.28 -11.77
CA THR A 252 -0.07 3.24 -12.75
C THR A 252 -1.20 4.01 -13.42
N SER A 253 -2.45 3.75 -13.04
CA SER A 253 -3.66 4.25 -13.72
C SER A 253 -3.74 3.80 -15.17
N THR A 254 -3.03 2.72 -15.52
CA THR A 254 -3.13 2.18 -16.87
C THR A 254 -4.49 1.54 -17.11
N VAL A 255 -5.13 0.99 -16.08
N VAL A 255 -5.04 0.93 -16.06
CA VAL A 255 -6.53 0.62 -16.18
CA VAL A 255 -6.37 0.33 -16.06
C VAL A 255 -7.30 1.26 -15.03
C VAL A 255 -7.15 0.97 -14.92
N ASP A 256 -8.56 1.57 -15.29
N ASP A 256 -8.35 1.45 -15.22
CA ASP A 256 -9.38 2.29 -14.31
CA ASP A 256 -9.10 2.23 -14.24
C ASP A 256 -9.78 1.39 -13.15
C ASP A 256 -9.67 1.36 -13.12
N SER A 257 -10.00 0.10 -13.40
CA SER A 257 -10.50 -0.82 -12.37
C SER A 257 -10.23 -2.25 -12.81
N LEU A 258 -10.08 -3.16 -11.84
CA LEU A 258 -9.87 -4.57 -12.20
C LEU A 258 -11.04 -5.12 -12.99
N ALA A 259 -12.26 -4.63 -12.71
CA ALA A 259 -13.44 -5.12 -13.43
C ALA A 259 -13.30 -4.90 -14.93
N THR A 260 -12.53 -3.90 -15.36
CA THR A 260 -12.34 -3.64 -16.77
C THR A 260 -10.95 -4.01 -17.27
N HIS A 261 -10.15 -4.71 -16.48
CA HIS A 261 -8.85 -5.16 -16.95
C HIS A 261 -9.02 -6.15 -18.11
N PRO A 262 -8.20 -6.08 -19.16
CA PRO A 262 -8.39 -6.97 -20.31
C PRO A 262 -7.95 -8.41 -20.12
N LEU A 263 -7.38 -8.80 -18.97
CA LEU A 263 -6.84 -10.16 -18.84
C LEU A 263 -7.87 -11.23 -19.20
N LYS A 264 -9.09 -11.13 -18.66
CA LYS A 264 -10.13 -12.12 -18.96
C LYS A 264 -10.42 -12.20 -20.46
N ARG A 265 -10.51 -11.05 -21.12
CA ARG A 265 -10.79 -11.07 -22.56
C ARG A 265 -9.61 -11.60 -23.36
N PHE A 266 -8.37 -11.35 -22.92
CA PHE A 266 -7.20 -11.96 -23.56
C PHE A 266 -7.29 -13.48 -23.50
N LEU A 267 -7.58 -14.02 -22.30
CA LEU A 267 -7.71 -15.45 -22.16
C LEU A 267 -8.85 -15.99 -23.01
N GLU A 268 -9.97 -15.24 -23.06
CA GLU A 268 -11.09 -15.71 -23.87
C GLU A 268 -10.77 -15.66 -25.35
N HIS A 269 -9.77 -14.88 -25.75
CA HIS A 269 -9.29 -14.82 -27.12
C HIS A 269 -8.21 -15.88 -27.41
N GLY A 270 -7.91 -16.76 -26.47
CA GLY A 270 -6.85 -17.73 -26.70
C GLY A 270 -5.45 -17.16 -26.70
N ILE A 271 -5.24 -16.02 -26.05
CA ILE A 271 -3.93 -15.40 -25.95
C ILE A 271 -3.21 -15.98 -24.74
N LEU A 272 -1.90 -16.18 -24.85
CA LEU A 272 -1.08 -16.72 -23.76
C LEU A 272 -0.76 -15.58 -22.79
N ALA A 273 -1.72 -15.28 -21.92
CA ALA A 273 -1.51 -14.31 -20.87
C ALA A 273 -1.24 -15.03 -19.55
N CYS A 274 -0.28 -14.52 -18.78
CA CYS A 274 0.07 -15.11 -17.49
C CYS A 274 0.00 -14.05 -16.40
N ILE A 275 -0.01 -14.50 -15.14
CA ILE A 275 -0.20 -13.62 -13.99
C ILE A 275 1.15 -13.43 -13.30
N ASN A 276 1.51 -12.16 -13.01
CA ASN A 276 2.81 -11.80 -12.46
C ASN A 276 2.65 -10.74 -11.37
N THR A 277 3.73 -10.47 -10.62
CA THR A 277 3.68 -9.43 -9.58
C THR A 277 4.09 -8.04 -10.07
N ASP A 278 5.20 -7.95 -10.82
CA ASP A 278 5.85 -6.71 -11.29
C ASP A 278 6.84 -6.15 -10.27
N ASP A 279 6.41 -5.23 -9.39
CA ASP A 279 7.27 -4.68 -8.33
C ASP A 279 6.61 -4.94 -6.98
N PRO A 280 6.73 -6.17 -6.45
CA PRO A 280 5.88 -6.53 -5.28
C PRO A 280 6.04 -5.60 -4.09
N ALA A 281 7.27 -5.27 -3.67
CA ALA A 281 7.42 -4.44 -2.47
C ALA A 281 6.88 -3.02 -2.68
N VAL A 282 7.14 -2.44 -3.86
CA VAL A 282 6.62 -1.12 -4.19
C VAL A 282 5.10 -1.13 -4.20
N GLU A 283 4.52 -2.21 -4.69
CA GLU A 283 3.07 -2.27 -4.80
C GLU A 283 2.38 -2.67 -3.51
N GLY A 284 3.09 -3.35 -2.61
CA GLY A 284 2.45 -3.85 -1.42
C GLY A 284 1.65 -5.13 -1.64
N ILE A 285 2.04 -5.94 -2.62
CA ILE A 285 1.36 -7.20 -2.91
C ILE A 285 2.40 -8.32 -2.99
N GLU A 286 1.92 -9.54 -3.21
CA GLU A 286 2.77 -10.66 -3.59
C GLU A 286 1.95 -11.59 -4.46
N LEU A 287 2.61 -12.61 -5.03
CA LEU A 287 1.94 -13.40 -6.06
C LEU A 287 0.69 -14.12 -5.56
N PRO A 288 0.65 -14.76 -4.38
CA PRO A 288 -0.60 -15.43 -4.01
C PRO A 288 -1.79 -14.48 -3.93
N TYR A 289 -1.58 -13.24 -3.49
CA TYR A 289 -2.66 -12.27 -3.44
C TYR A 289 -3.17 -11.94 -4.84
N GLU A 290 -2.27 -11.85 -5.81
CA GLU A 290 -2.71 -11.60 -7.19
C GLU A 290 -3.61 -12.73 -7.67
N TYR A 291 -3.30 -13.98 -7.26
CA TYR A 291 -4.11 -15.13 -7.65
C TYR A 291 -5.41 -15.20 -6.86
N GLU A 292 -5.38 -14.88 -5.56
CA GLU A 292 -6.51 -15.16 -4.70
C GLU A 292 -7.49 -14.00 -4.62
N VAL A 293 -7.03 -12.76 -4.80
CA VAL A 293 -7.86 -11.57 -4.66
C VAL A 293 -7.95 -10.80 -5.99
N ALA A 294 -6.81 -10.45 -6.59
CA ALA A 294 -6.84 -9.57 -7.75
C ALA A 294 -7.50 -10.24 -8.96
N ALA A 295 -7.12 -11.49 -9.24
CA ALA A 295 -7.63 -12.15 -10.45
C ALA A 295 -9.15 -12.39 -10.39
N PRO A 296 -9.71 -12.87 -9.26
CA PRO A 296 -11.17 -12.91 -9.17
C PRO A 296 -11.83 -11.55 -9.30
N GLN A 297 -11.22 -10.50 -8.75
CA GLN A 297 -11.76 -9.16 -8.94
C GLN A 297 -11.68 -8.72 -10.39
N ALA A 298 -10.72 -9.26 -11.15
CA ALA A 298 -10.68 -8.97 -12.58
C ALA A 298 -11.69 -9.81 -13.35
N GLY A 299 -12.53 -10.58 -12.67
CA GLY A 299 -13.59 -11.32 -13.32
C GLY A 299 -13.22 -12.73 -13.76
N LEU A 300 -11.99 -13.16 -13.55
CA LEU A 300 -11.60 -14.50 -13.99
C LEU A 300 -12.27 -15.58 -13.15
N SER A 301 -12.76 -16.63 -13.81
CA SER A 301 -13.18 -17.84 -13.12
C SER A 301 -11.94 -18.62 -12.66
N GLN A 302 -12.17 -19.60 -11.77
CA GLN A 302 -11.05 -20.43 -11.35
C GLN A 302 -10.43 -21.16 -12.55
N GLU A 303 -11.27 -21.58 -13.49
N GLU A 303 -11.26 -21.59 -13.50
CA GLU A 303 -10.78 -22.22 -14.71
CA GLU A 303 -10.73 -22.24 -14.70
C GLU A 303 -9.84 -21.30 -15.47
C GLU A 303 -9.81 -21.29 -15.47
N GLN A 304 -10.21 -20.03 -15.61
CA GLN A 304 -9.36 -19.06 -16.30
C GLN A 304 -8.08 -18.78 -15.52
N ILE A 305 -8.16 -18.76 -14.19
CA ILE A 305 -6.95 -18.56 -13.39
C ILE A 305 -5.98 -19.74 -13.58
N ARG A 306 -6.52 -20.96 -13.64
CA ARG A 306 -5.67 -22.13 -13.87
C ARG A 306 -5.04 -22.08 -15.25
N GLN A 307 -5.82 -21.70 -16.27
CA GLN A 307 -5.26 -21.51 -17.60
C GLN A 307 -4.11 -20.51 -17.57
N ALA A 308 -4.28 -19.39 -16.85
CA ALA A 308 -3.23 -18.39 -16.77
C ALA A 308 -1.99 -18.95 -16.07
N GLN A 309 -2.18 -19.74 -15.01
CA GLN A 309 -1.04 -20.35 -14.35
C GLN A 309 -0.27 -21.26 -15.30
N LEU A 310 -1.00 -22.08 -16.06
N LEU A 310 -1.01 -22.08 -16.06
CA LEU A 310 -0.36 -22.93 -17.07
CA LEU A 310 -0.40 -22.92 -17.09
C LEU A 310 0.37 -22.09 -18.12
C LEU A 310 0.35 -22.09 -18.12
N ASN A 311 -0.24 -20.96 -18.53
CA ASN A 311 0.40 -20.12 -19.54
C ASN A 311 1.77 -19.62 -19.06
N GLY A 312 1.89 -19.35 -17.76
CA GLY A 312 3.18 -18.90 -17.24
C GLY A 312 4.28 -19.92 -17.45
N LEU A 313 3.95 -21.21 -17.27
CA LEU A 313 4.91 -22.28 -17.52
C LEU A 313 5.28 -22.33 -19.00
N GLU A 314 4.27 -22.26 -19.88
CA GLU A 314 4.52 -22.33 -21.31
C GLU A 314 5.35 -21.15 -21.82
N LEU A 315 5.25 -19.99 -21.18
CA LEU A 315 5.95 -18.79 -21.61
C LEU A 315 7.35 -18.66 -21.03
N ALA A 316 7.68 -19.44 -20.00
CA ALA A 316 8.99 -19.31 -19.37
C ALA A 316 10.11 -19.46 -20.38
N PHE A 317 11.20 -18.71 -20.18
CA PHE A 317 12.37 -18.82 -21.05
C PHE A 317 13.19 -20.04 -20.64
N LEU A 318 12.59 -21.21 -20.84
CA LEU A 318 13.16 -22.52 -20.51
C LEU A 318 13.01 -23.45 -21.71
N SER A 319 13.84 -24.48 -21.76
CA SER A 319 13.67 -25.49 -22.80
C SER A 319 12.42 -26.32 -22.53
N ASP A 320 11.99 -27.06 -23.55
CA ASP A 320 10.84 -27.94 -23.36
C ASP A 320 11.15 -29.07 -22.38
N SER A 321 12.39 -29.55 -22.36
CA SER A 321 12.81 -30.51 -21.33
C SER A 321 12.60 -29.94 -19.94
N GLU A 322 13.05 -28.69 -19.71
CA GLU A 322 12.90 -28.10 -18.38
C GLU A 322 11.43 -27.82 -18.04
N LYS A 323 10.62 -27.49 -19.04
CA LYS A 323 9.20 -27.27 -18.82
C LYS A 323 8.50 -28.58 -18.50
N LYS A 324 8.81 -29.63 -19.25
CA LYS A 324 8.32 -30.96 -18.92
C LYS A 324 8.65 -31.31 -17.47
N ALA A 325 9.91 -31.10 -17.06
CA ALA A 325 10.33 -31.50 -15.73
C ALA A 325 9.57 -30.72 -14.65
N LEU A 326 9.32 -29.43 -14.87
N LEU A 326 9.32 -29.43 -14.88
CA LEU A 326 8.58 -28.65 -13.88
CA LEU A 326 8.57 -28.63 -13.92
C LEU A 326 7.13 -29.13 -13.77
C LEU A 326 7.14 -29.12 -13.78
N LEU A 327 6.50 -29.42 -14.90
CA LEU A 327 5.14 -29.96 -14.87
C LEU A 327 5.09 -31.29 -14.15
N ALA A 328 6.04 -32.18 -14.46
CA ALA A 328 6.04 -33.50 -13.83
C ALA A 328 6.33 -33.39 -12.34
N LYS A 329 7.17 -32.43 -11.94
CA LYS A 329 7.46 -32.26 -10.52
C LYS A 329 6.23 -31.74 -9.77
N ALA A 330 5.53 -30.76 -10.33
CA ALA A 330 4.36 -30.22 -9.62
C ALA A 330 3.20 -31.19 -9.60
N ALA A 331 3.07 -32.05 -10.61
CA ALA A 331 1.96 -32.99 -10.67
C ALA A 331 1.94 -33.96 -9.50
N LEU A 332 3.07 -34.16 -8.81
CA LEU A 332 3.07 -35.04 -7.66
C LEU A 332 2.42 -34.41 -6.44
N ARG A 333 2.24 -33.09 -6.42
CA ARG A 333 1.64 -32.37 -5.31
C ARG A 333 0.13 -32.30 -5.46
N GLY A 334 -0.54 -31.83 -4.42
CA GLY A 334 -1.98 -31.62 -4.45
C GLY A 334 -2.82 -32.89 -4.34
N MET B 1 4.81 20.28 4.91
CA MET B 1 5.77 20.01 5.98
C MET B 1 5.18 20.29 7.37
N ILE B 2 5.54 19.42 8.33
CA ILE B 2 5.31 19.71 9.73
C ILE B 2 6.06 20.97 10.16
N THR B 3 5.41 21.80 10.98
CA THR B 3 6.08 22.95 11.59
C THR B 3 6.65 22.52 12.94
N SER B 4 7.98 22.53 13.06
CA SER B 4 8.65 21.96 14.23
C SER B 4 8.34 22.73 15.50
N SER B 5 8.22 24.05 15.42
CA SER B 5 7.99 24.88 16.60
C SER B 5 6.53 24.90 17.05
N LEU B 6 5.66 24.10 16.42
CA LEU B 6 4.26 23.94 16.77
C LEU B 6 3.99 22.53 17.26
N PRO B 7 3.07 22.35 18.21
CA PRO B 7 2.69 20.99 18.61
C PRO B 7 2.12 20.25 17.43
N LEU B 8 2.42 18.95 17.34
CA LEU B 8 1.84 18.11 16.31
C LEU B 8 0.84 17.16 16.96
N THR B 9 -0.41 17.26 16.56
CA THR B 9 -1.47 16.40 17.09
C THR B 9 -1.89 15.39 16.04
N ASP B 10 -2.46 14.29 16.52
CA ASP B 10 -3.25 13.38 15.69
C ASP B 10 -4.52 13.09 16.49
N LEU B 11 -5.63 13.64 16.02
CA LEU B 11 -6.88 13.60 16.78
C LEU B 11 -7.84 12.53 16.29
N HIS B 12 -7.54 11.91 15.15
CA HIS B 12 -8.42 10.91 14.53
C HIS B 12 -7.51 9.76 14.12
N ARG B 13 -7.36 8.81 15.03
CA ARG B 13 -6.31 7.80 14.90
C ARG B 13 -6.79 6.54 15.63
N HIS B 14 -7.16 5.52 14.86
CA HIS B 14 -7.76 4.30 15.42
C HIS B 14 -6.66 3.34 15.85
N LEU B 15 -6.51 3.19 17.17
N LEU B 15 -6.50 3.14 17.15
CA LEU B 15 -5.58 2.21 17.73
CA LEU B 15 -5.46 2.20 17.58
C LEU B 15 -5.77 0.84 17.09
C LEU B 15 -5.75 0.78 17.08
N ASP B 16 -7.02 0.38 17.01
CA ASP B 16 -7.32 -0.95 16.50
C ASP B 16 -7.40 -1.02 14.98
N GLY B 17 -7.12 0.09 14.28
CA GLY B 17 -6.78 0.05 12.87
C GLY B 17 -5.31 0.29 12.63
N ASN B 18 -4.47 0.21 13.66
CA ASN B 18 -3.04 0.47 13.52
C ASN B 18 -2.25 -0.62 14.24
N ILE B 19 -2.45 -1.87 13.81
CA ILE B 19 -1.76 -3.00 14.43
C ILE B 19 -0.64 -3.45 13.51
N ARG B 20 0.59 -3.51 14.05
CA ARG B 20 1.75 -3.81 13.21
C ARG B 20 1.62 -5.20 12.60
N THR B 21 1.98 -5.32 11.32
CA THR B 21 1.88 -6.61 10.63
C THR B 21 2.69 -7.67 11.36
N GLN B 22 3.88 -7.32 11.83
CA GLN B 22 4.68 -8.26 12.62
C GLN B 22 3.92 -8.71 13.87
N THR B 23 3.18 -7.80 14.50
CA THR B 23 2.40 -8.17 15.67
C THR B 23 1.23 -9.08 15.29
N ILE B 24 0.57 -8.81 14.14
CA ILE B 24 -0.46 -9.71 13.64
C ILE B 24 0.09 -11.12 13.46
N LEU B 25 1.28 -11.23 12.86
CA LEU B 25 1.88 -12.55 12.64
C LEU B 25 2.19 -13.25 13.97
N GLU B 26 2.75 -12.52 14.93
CA GLU B 26 3.16 -13.14 16.19
C GLU B 26 1.95 -13.55 17.01
N LEU B 27 0.96 -12.66 17.12
CA LEU B 27 -0.23 -13.02 17.88
C LEU B 27 -1.03 -14.10 17.15
N GLY B 28 -1.09 -14.03 15.82
CA GLY B 28 -1.75 -15.08 15.06
C GLY B 28 -1.15 -16.44 15.34
N GLN B 29 0.19 -16.52 15.41
CA GLN B 29 0.83 -17.77 15.77
C GLN B 29 0.57 -18.14 17.23
N LYS B 30 0.61 -17.14 18.13
CA LYS B 30 0.38 -17.41 19.55
C LYS B 30 -0.98 -18.05 19.78
N PHE B 31 -2.04 -17.53 19.14
CA PHE B 31 -3.39 -17.99 19.40
C PHE B 31 -3.90 -18.97 18.36
N GLY B 32 -3.05 -19.42 17.44
CA GLY B 32 -3.46 -20.40 16.45
C GLY B 32 -4.44 -19.87 15.41
N VAL B 33 -4.37 -18.58 15.10
CA VAL B 33 -5.29 -17.96 14.17
C VAL B 33 -4.72 -18.14 12.76
N LYS B 34 -5.45 -18.87 11.91
CA LYS B 34 -4.97 -19.16 10.57
C LYS B 34 -5.06 -17.89 9.73
N LEU B 35 -3.91 -17.35 9.39
CA LEU B 35 -3.81 -16.14 8.60
C LEU B 35 -3.72 -16.48 7.12
N PRO B 36 -4.09 -15.55 6.23
CA PRO B 36 -4.00 -15.85 4.79
C PRO B 36 -2.58 -15.92 4.27
N ALA B 37 -1.58 -15.48 5.04
CA ALA B 37 -0.19 -15.59 4.65
C ALA B 37 0.65 -15.57 5.91
N ASN B 38 1.92 -15.95 5.77
CA ASN B 38 2.74 -16.20 6.95
C ASN B 38 4.07 -15.47 6.97
N THR B 39 4.29 -14.50 6.08
CA THR B 39 5.44 -13.60 6.19
C THR B 39 4.96 -12.17 6.05
N LEU B 40 5.84 -11.22 6.38
N LEU B 40 5.83 -11.22 6.41
CA LEU B 40 5.49 -9.82 6.33
CA LEU B 40 5.48 -9.81 6.31
C LEU B 40 5.07 -9.40 4.92
C LEU B 40 5.04 -9.46 4.90
N GLN B 41 5.87 -9.76 3.91
CA GLN B 41 5.60 -9.34 2.54
C GLN B 41 4.36 -10.02 1.96
N THR B 42 4.12 -11.30 2.27
CA THR B 42 2.94 -11.95 1.72
C THR B 42 1.66 -11.57 2.45
N LEU B 43 1.74 -11.27 3.75
CA LEU B 43 0.54 -10.89 4.49
C LEU B 43 0.12 -9.45 4.22
N THR B 44 1.06 -8.60 3.85
CA THR B 44 0.80 -7.17 3.68
C THR B 44 -0.46 -6.85 2.88
N PRO B 45 -0.67 -7.36 1.66
CA PRO B 45 -1.87 -6.97 0.91
C PRO B 45 -3.18 -7.41 1.55
N TYR B 46 -3.14 -8.38 2.46
CA TYR B 46 -4.37 -8.78 3.14
C TYR B 46 -4.71 -7.88 4.33
N VAL B 47 -3.76 -7.11 4.85
CA VAL B 47 -3.99 -6.28 6.02
C VAL B 47 -3.77 -4.81 5.73
N GLN B 48 -3.55 -4.46 4.47
CA GLN B 48 -3.21 -3.09 4.10
C GLN B 48 -3.84 -2.77 2.76
N ILE B 49 -4.33 -1.54 2.59
CA ILE B 49 -4.96 -1.13 1.35
C ILE B 49 -3.97 -1.25 0.20
N VAL B 50 -4.38 -1.87 -0.90
CA VAL B 50 -3.50 -1.97 -2.06
C VAL B 50 -3.75 -0.78 -2.98
N GLU B 51 -4.98 -0.69 -3.52
N GLU B 51 -4.96 -0.68 -3.53
CA GLU B 51 -5.45 0.51 -4.19
CA GLU B 51 -5.41 0.55 -4.16
C GLU B 51 -6.76 0.92 -3.54
C GLU B 51 -6.75 0.92 -3.54
N ALA B 52 -7.29 2.07 -3.95
CA ALA B 52 -8.55 2.54 -3.37
C ALA B 52 -9.61 1.45 -3.40
N GLU B 53 -10.26 1.20 -2.24
CA GLU B 53 -11.37 0.28 -2.13
C GLU B 53 -12.64 0.93 -2.67
N PRO B 54 -13.61 0.13 -3.12
CA PRO B 54 -14.79 0.71 -3.78
C PRO B 54 -15.79 1.34 -2.82
N SER B 55 -15.66 1.09 -1.51
CA SER B 55 -16.67 1.52 -0.55
C SER B 55 -16.03 1.61 0.82
N LEU B 56 -16.78 2.24 1.73
CA LEU B 56 -16.33 2.33 3.11
C LEU B 56 -16.20 0.94 3.74
N VAL B 57 -17.19 0.06 3.54
N VAL B 57 -17.21 0.08 3.54
CA VAL B 57 -17.08 -1.23 4.23
CA VAL B 57 -17.17 -1.24 4.14
C VAL B 57 -15.99 -2.10 3.61
C VAL B 57 -15.98 -2.05 3.61
N ALA B 58 -15.71 -1.94 2.31
CA ALA B 58 -14.60 -2.70 1.73
C ALA B 58 -13.27 -2.25 2.33
N PHE B 59 -13.10 -0.95 2.56
CA PHE B 59 -11.93 -0.46 3.30
C PHE B 59 -11.89 -1.04 4.71
N LEU B 60 -13.03 -1.02 5.41
CA LEU B 60 -13.07 -1.44 6.80
C LEU B 60 -12.70 -2.92 6.98
N SER B 61 -12.93 -3.75 5.95
N SER B 61 -12.92 -3.74 5.95
CA SER B 61 -12.58 -5.16 6.06
CA SER B 61 -12.57 -5.15 6.04
C SER B 61 -11.08 -5.36 6.25
C SER B 61 -11.07 -5.37 6.22
N LYS B 62 -10.25 -4.39 5.83
CA LYS B 62 -8.81 -4.55 6.00
C LYS B 62 -8.39 -4.58 7.45
N LEU B 63 -9.21 -4.03 8.36
CA LEU B 63 -8.92 -4.05 9.79
C LEU B 63 -9.16 -5.41 10.44
N ASP B 64 -9.84 -6.33 9.75
CA ASP B 64 -10.37 -7.51 10.43
C ASP B 64 -9.25 -8.42 10.94
N TRP B 65 -8.17 -8.58 10.17
CA TRP B 65 -7.15 -9.55 10.59
C TRP B 65 -6.42 -9.07 11.84
N GLY B 66 -6.20 -7.76 11.97
CA GLY B 66 -5.57 -7.22 13.18
C GLY B 66 -6.35 -7.51 14.45
N VAL B 67 -7.67 -7.32 14.43
CA VAL B 67 -8.45 -7.65 15.62
C VAL B 67 -8.79 -9.12 15.72
N ALA B 68 -8.59 -9.91 14.65
CA ALA B 68 -8.80 -11.35 14.74
C ALA B 68 -7.74 -12.05 15.60
N VAL B 69 -6.58 -11.42 15.83
CA VAL B 69 -5.52 -12.07 16.58
C VAL B 69 -5.48 -11.61 18.04
N LEU B 70 -6.49 -10.86 18.48
CA LEU B 70 -6.53 -10.38 19.87
C LEU B 70 -7.14 -11.47 20.73
N GLY B 71 -6.31 -12.47 21.07
CA GLY B 71 -6.75 -13.67 21.74
C GLY B 71 -6.92 -13.57 23.23
N ASP B 72 -6.41 -12.54 23.88
CA ASP B 72 -6.61 -12.35 25.31
C ASP B 72 -6.44 -10.87 25.63
N LEU B 73 -6.70 -10.51 26.89
CA LEU B 73 -6.65 -9.12 27.29
C LEU B 73 -5.25 -8.54 27.16
N ASP B 74 -4.22 -9.35 27.41
CA ASP B 74 -2.85 -8.85 27.29
C ASP B 74 -2.48 -8.52 25.85
N ALA B 75 -3.09 -9.20 24.86
CA ALA B 75 -2.89 -8.80 23.48
C ALA B 75 -3.41 -7.39 23.23
N CYS B 76 -4.57 -7.06 23.82
CA CYS B 76 -5.11 -5.71 23.68
C CYS B 76 -4.19 -4.70 24.33
N ARG B 77 -3.64 -5.04 25.50
N ARG B 77 -3.64 -5.03 25.50
CA ARG B 77 -2.69 -4.18 26.17
CA ARG B 77 -2.69 -4.14 26.15
C ARG B 77 -1.46 -3.94 25.30
C ARG B 77 -1.46 -3.93 25.28
N ARG B 78 -1.00 -5.00 24.62
CA ARG B 78 0.19 -4.89 23.78
C ARG B 78 -0.05 -3.95 22.60
N VAL B 79 -1.18 -4.09 21.90
N VAL B 79 -1.16 -4.11 21.90
CA VAL B 79 -1.38 -3.23 20.73
CA VAL B 79 -1.47 -3.27 20.75
C VAL B 79 -1.66 -1.78 21.15
C VAL B 79 -1.60 -1.81 21.18
N ALA B 80 -2.23 -1.58 22.34
CA ALA B 80 -2.35 -0.21 22.84
C ALA B 80 -0.98 0.37 23.14
N TYR B 81 -0.11 -0.43 23.76
CA TYR B 81 1.24 0.02 24.08
C TYR B 81 2.03 0.32 22.81
N GLU B 82 1.97 -0.59 21.84
CA GLU B 82 2.71 -0.39 20.59
C GLU B 82 2.18 0.82 19.83
N ASN B 83 0.91 1.16 20.04
CA ASN B 83 0.36 2.34 19.38
C ASN B 83 0.98 3.62 19.91
N VAL B 84 1.31 3.68 21.21
CA VAL B 84 1.97 4.88 21.73
C VAL B 84 3.36 5.01 21.12
N GLU B 85 4.09 3.90 21.02
CA GLU B 85 5.42 3.94 20.40
C GLU B 85 5.34 4.40 18.96
N ASP B 86 4.34 3.92 18.20
CA ASP B 86 4.18 4.34 16.80
C ASP B 86 3.89 5.84 16.69
N ALA B 87 3.03 6.37 17.57
CA ALA B 87 2.76 7.81 17.56
C ALA B 87 4.01 8.62 17.87
N LEU B 88 4.78 8.19 18.88
CA LEU B 88 6.08 8.79 19.13
C LEU B 88 6.94 8.81 17.87
N ASN B 89 7.05 7.66 17.20
CA ASN B 89 7.88 7.58 16.00
C ASN B 89 7.31 8.38 14.83
N ALA B 90 6.03 8.71 14.85
CA ALA B 90 5.42 9.55 13.83
C ALA B 90 5.55 11.04 14.15
N ARG B 91 6.35 11.40 15.15
CA ARG B 91 6.65 12.78 15.56
C ARG B 91 5.48 13.46 16.26
N ILE B 92 4.52 12.70 16.75
CA ILE B 92 3.33 13.27 17.37
C ILE B 92 3.65 13.69 18.80
N ASP B 93 3.20 14.90 19.17
CA ASP B 93 3.32 15.37 20.55
C ASP B 93 2.11 15.00 21.38
N TYR B 94 0.92 15.01 20.79
CA TYR B 94 -0.29 14.68 21.51
C TYR B 94 -1.18 13.88 20.59
N ALA B 95 -1.50 12.66 20.99
CA ALA B 95 -2.36 11.77 20.22
C ALA B 95 -3.64 11.52 20.99
N GLU B 96 -4.76 11.54 20.29
CA GLU B 96 -6.01 10.99 20.80
C GLU B 96 -6.18 9.66 20.09
N LEU B 97 -6.10 8.57 20.85
CA LEU B 97 -6.20 7.22 20.29
C LEU B 97 -7.63 6.75 20.48
N ARG B 98 -8.31 6.42 19.39
CA ARG B 98 -9.67 5.91 19.51
C ARG B 98 -9.71 4.41 19.24
N PHE B 99 -10.67 3.73 19.86
CA PHE B 99 -10.73 2.28 19.77
C PHE B 99 -12.15 1.81 20.07
N SER B 100 -12.54 0.74 19.42
CA SER B 100 -13.83 0.10 19.65
C SER B 100 -13.59 -1.17 20.45
N PRO B 101 -13.82 -1.17 21.77
CA PRO B 101 -13.52 -2.38 22.55
C PRO B 101 -14.40 -3.56 22.18
N TYR B 102 -15.62 -3.31 21.71
CA TYR B 102 -16.48 -4.41 21.26
C TYR B 102 -15.89 -5.09 20.02
N TYR B 103 -15.40 -4.28 19.07
CA TYR B 103 -14.80 -4.82 17.86
C TYR B 103 -13.52 -5.60 18.19
N MET B 104 -12.66 -5.03 19.04
CA MET B 104 -11.46 -5.74 19.48
C MET B 104 -11.80 -7.06 20.15
N ALA B 105 -12.91 -7.11 20.90
CA ALA B 105 -13.23 -8.27 21.71
C ALA B 105 -14.00 -9.36 20.96
N MET B 106 -14.55 -9.04 19.79
N MET B 106 -14.55 -9.09 19.78
CA MET B 106 -15.53 -9.91 19.13
CA MET B 106 -15.57 -10.01 19.31
C MET B 106 -14.96 -11.28 18.83
C MET B 106 -15.02 -11.32 18.74
N LYS B 107 -13.84 -11.32 18.10
CA LYS B 107 -13.37 -12.58 17.50
C LYS B 107 -13.12 -13.66 18.53
N HIS B 108 -12.58 -13.30 19.69
CA HIS B 108 -12.29 -14.28 20.72
C HIS B 108 -13.19 -14.12 21.94
N SER B 109 -14.28 -13.35 21.82
CA SER B 109 -15.27 -13.19 22.88
C SER B 109 -14.65 -12.70 24.19
N LEU B 110 -13.76 -11.72 24.10
CA LEU B 110 -13.17 -11.14 25.30
C LEU B 110 -14.21 -10.31 26.06
N PRO B 111 -14.06 -10.16 27.38
CA PRO B 111 -14.94 -9.24 28.13
C PRO B 111 -14.68 -7.80 27.73
N VAL B 112 -15.74 -7.11 27.30
CA VAL B 112 -15.56 -5.80 26.69
C VAL B 112 -15.02 -4.79 27.70
N THR B 113 -15.52 -4.85 28.94
CA THR B 113 -14.96 -4.00 29.98
C THR B 113 -13.50 -4.34 30.22
N GLY B 114 -13.16 -5.63 30.19
CA GLY B 114 -11.77 -6.03 30.28
C GLY B 114 -10.90 -5.42 29.18
N VAL B 115 -11.42 -5.36 27.96
CA VAL B 115 -10.65 -4.77 26.86
C VAL B 115 -10.39 -3.29 27.12
N VAL B 116 -11.40 -2.57 27.61
CA VAL B 116 -11.24 -1.14 27.91
C VAL B 116 -10.15 -0.95 28.95
N GLU B 117 -10.21 -1.71 30.04
CA GLU B 117 -9.20 -1.58 31.08
C GLU B 117 -7.80 -1.93 30.56
N ALA B 118 -7.70 -2.95 29.70
CA ALA B 118 -6.40 -3.32 29.13
C ALA B 118 -5.85 -2.20 28.25
N VAL B 119 -6.71 -1.55 27.46
CA VAL B 119 -6.25 -0.46 26.59
C VAL B 119 -5.77 0.72 27.41
N VAL B 120 -6.55 1.10 28.44
CA VAL B 120 -6.11 2.15 29.35
C VAL B 120 -4.74 1.81 29.93
N ASP B 121 -4.57 0.57 30.40
N ASP B 121 -4.56 0.57 30.37
CA ASP B 121 -3.29 0.16 30.99
CA ASP B 121 -3.29 0.19 31.00
C ASP B 121 -2.16 0.28 29.98
C ASP B 121 -2.13 0.24 29.99
N GLY B 122 -2.38 -0.18 28.75
CA GLY B 122 -1.31 -0.17 27.76
C GLY B 122 -0.90 1.22 27.34
N VAL B 123 -1.87 2.10 27.10
CA VAL B 123 -1.56 3.49 26.75
C VAL B 123 -0.86 4.18 27.93
N ARG B 124 -1.31 3.88 29.16
CA ARG B 124 -0.65 4.45 30.33
C ARG B 124 0.81 4.02 30.43
N ALA B 125 1.09 2.72 30.19
CA ALA B 125 2.48 2.27 30.20
C ALA B 125 3.26 2.88 29.05
N GLY B 126 2.63 3.07 27.89
CA GLY B 126 3.31 3.68 26.77
C GLY B 126 3.61 5.15 26.99
N VAL B 127 2.64 5.88 27.57
CA VAL B 127 2.89 7.28 27.86
C VAL B 127 4.04 7.44 28.84
N ARG B 128 4.14 6.52 29.80
CA ARG B 128 5.26 6.53 30.74
C ARG B 128 6.57 6.22 30.04
N ASP B 129 6.58 5.22 29.15
CA ASP B 129 7.84 4.73 28.57
C ASP B 129 8.30 5.57 27.39
N PHE B 130 7.38 6.16 26.63
CA PHE B 130 7.74 6.84 25.40
C PHE B 130 7.64 8.36 25.47
N GLY B 131 6.92 8.91 26.45
CA GLY B 131 7.06 10.31 26.77
C GLY B 131 6.23 11.30 25.97
N ILE B 132 5.30 10.85 25.13
CA ILE B 132 4.40 11.80 24.48
C ILE B 132 3.16 11.93 25.34
N GLN B 133 2.25 12.82 24.94
CA GLN B 133 0.98 12.98 25.62
C GLN B 133 -0.13 12.30 24.83
N ALA B 134 -1.09 11.71 25.53
CA ALA B 134 -2.15 10.98 24.85
C ALA B 134 -3.44 11.00 25.67
N ASN B 135 -4.56 10.92 24.95
CA ASN B 135 -5.86 10.66 25.55
C ASN B 135 -6.55 9.57 24.73
N LEU B 136 -7.59 9.01 25.33
CA LEU B 136 -8.36 7.91 24.73
C LEU B 136 -9.76 8.39 24.37
N ILE B 137 -10.28 7.82 23.30
CA ILE B 137 -11.63 8.07 22.81
C ILE B 137 -12.25 6.70 22.58
N GLY B 138 -13.36 6.43 23.27
CA GLY B 138 -14.05 5.16 23.11
C GLY B 138 -15.00 5.25 21.93
N ILE B 139 -14.97 4.22 21.07
CA ILE B 139 -15.80 4.18 19.87
C ILE B 139 -16.97 3.23 20.09
N MET B 140 -18.17 3.67 19.72
CA MET B 140 -19.28 2.75 19.45
C MET B 140 -19.26 2.37 17.98
N SER B 141 -19.08 1.08 17.70
CA SER B 141 -19.06 0.59 16.32
C SER B 141 -20.50 0.43 15.86
N ARG B 142 -21.00 1.44 15.15
CA ARG B 142 -22.40 1.46 14.71
C ARG B 142 -22.76 0.21 13.92
N THR B 143 -21.76 -0.37 13.25
CA THR B 143 -21.93 -1.53 12.39
C THR B 143 -22.66 -2.67 13.07
N PHE B 144 -22.43 -2.87 14.36
CA PHE B 144 -22.97 -4.05 15.02
C PHE B 144 -24.31 -3.79 15.71
N GLY B 145 -24.84 -2.58 15.62
CA GLY B 145 -26.22 -2.31 16.02
C GLY B 145 -26.33 -1.63 17.37
N THR B 146 -27.57 -1.23 17.70
CA THR B 146 -27.78 -0.37 18.87
C THR B 146 -27.56 -1.12 20.17
N ASP B 147 -27.92 -2.40 20.23
CA ASP B 147 -27.68 -3.17 21.46
C ASP B 147 -26.19 -3.37 21.72
N ALA B 148 -25.44 -3.79 20.69
CA ALA B 148 -23.99 -3.92 20.82
C ALA B 148 -23.35 -2.59 21.21
N CYS B 149 -23.81 -1.50 20.61
CA CYS B 149 -23.24 -0.20 20.93
C CYS B 149 -23.57 0.23 22.36
N GLN B 150 -24.74 -0.16 22.88
CA GLN B 150 -25.07 0.12 24.28
C GLN B 150 -24.16 -0.66 25.23
N GLN B 151 -23.95 -1.95 24.94
N GLN B 151 -23.94 -1.94 24.94
CA GLN B 151 -22.99 -2.74 25.70
CA GLN B 151 -22.99 -2.72 25.73
C GLN B 151 -21.60 -2.13 25.62
C GLN B 151 -21.59 -2.14 25.63
N GLU B 152 -21.20 -1.69 24.43
CA GLU B 152 -19.89 -1.07 24.26
C GLU B 152 -19.80 0.23 25.07
N LEU B 153 -20.85 1.05 25.03
CA LEU B 153 -20.86 2.29 25.77
C LEU B 153 -20.76 2.05 27.27
N ASP B 154 -21.51 1.07 27.79
CA ASP B 154 -21.40 0.72 29.20
C ASP B 154 -19.96 0.41 29.60
N ALA B 155 -19.27 -0.36 28.76
CA ALA B 155 -17.89 -0.70 29.06
C ALA B 155 -16.98 0.52 29.03
N ILE B 156 -17.21 1.42 28.06
CA ILE B 156 -16.41 2.63 27.95
C ILE B 156 -16.61 3.50 29.18
N LEU B 157 -17.87 3.73 29.57
CA LEU B 157 -18.15 4.62 30.69
C LEU B 157 -17.65 4.07 32.01
N SER B 158 -17.40 2.76 32.12
CA SER B 158 -16.85 2.23 33.35
C SER B 158 -15.43 2.73 33.59
N GLN B 159 -14.78 3.28 32.56
CA GLN B 159 -13.45 3.86 32.65
C GLN B 159 -13.46 5.33 32.25
N LYS B 160 -14.60 6.01 32.45
CA LYS B 160 -14.75 7.38 31.94
C LYS B 160 -13.78 8.37 32.58
N ASN B 161 -13.20 8.05 33.74
CA ASN B 161 -12.18 8.92 34.30
C ASN B 161 -10.89 8.90 33.49
N HIS B 162 -10.75 7.98 32.53
CA HIS B 162 -9.54 7.87 31.72
C HIS B 162 -9.82 8.05 30.24
N ILE B 163 -11.05 8.42 29.87
CA ILE B 163 -11.45 8.56 28.49
C ILE B 163 -12.06 9.97 28.34
N VAL B 164 -11.69 10.67 27.26
CA VAL B 164 -12.15 12.06 27.11
C VAL B 164 -13.38 12.20 26.21
N ALA B 165 -13.67 11.22 25.36
CA ALA B 165 -14.76 11.41 24.41
C ALA B 165 -15.26 10.05 23.96
N VAL B 166 -16.45 10.06 23.35
CA VAL B 166 -17.01 8.88 22.70
C VAL B 166 -17.29 9.24 21.24
N ASP B 167 -17.05 8.29 20.35
CA ASP B 167 -17.12 8.41 18.90
C ASP B 167 -18.14 7.40 18.36
N LEU B 168 -18.64 7.65 17.15
CA LEU B 168 -19.45 6.68 16.42
C LEU B 168 -18.76 6.41 15.08
N ALA B 169 -18.42 5.14 14.82
CA ALA B 169 -17.63 4.77 13.66
C ALA B 169 -18.14 3.46 13.07
N GLY B 170 -17.70 3.15 11.86
CA GLY B 170 -18.20 1.98 11.16
C GLY B 170 -19.03 2.32 9.92
N ASP B 171 -20.00 1.45 9.60
CA ASP B 171 -20.84 1.56 8.40
C ASP B 171 -21.84 2.71 8.56
N GLU B 172 -21.49 3.89 8.03
CA GLU B 172 -22.29 5.10 8.28
C GLU B 172 -23.68 5.00 7.66
N LEU B 173 -23.77 4.59 6.39
CA LEU B 173 -25.06 4.54 5.71
C LEU B 173 -25.91 3.39 6.22
N GLY B 174 -25.28 2.27 6.59
CA GLY B 174 -26.06 1.13 7.06
C GLY B 174 -26.62 1.31 8.46
N GLN B 175 -26.02 2.18 9.27
CA GLN B 175 -26.47 2.44 10.64
C GLN B 175 -26.42 3.93 10.91
N PRO B 176 -27.46 4.66 10.51
CA PRO B 176 -27.44 6.12 10.60
C PRO B 176 -27.41 6.63 12.05
N GLY B 177 -26.90 7.86 12.19
CA GLY B 177 -26.75 8.47 13.51
C GLY B 177 -28.04 8.59 14.31
N ASP B 178 -29.18 8.70 13.62
CA ASP B 178 -30.45 8.85 14.31
C ASP B 178 -30.82 7.63 15.15
N ARG B 179 -30.11 6.52 15.01
CA ARG B 179 -30.36 5.35 15.85
C ARG B 179 -29.64 5.41 17.19
N PHE B 180 -28.74 6.37 17.40
CA PHE B 180 -27.86 6.40 18.56
C PHE B 180 -28.07 7.64 19.43
N ILE B 181 -29.25 8.25 19.33
CA ILE B 181 -29.53 9.47 20.09
C ILE B 181 -29.45 9.20 21.59
N GLN B 182 -29.99 8.07 22.04
CA GLN B 182 -30.00 7.77 23.46
C GLN B 182 -28.61 7.43 23.97
N HIS B 183 -27.80 6.78 23.13
CA HIS B 183 -26.40 6.50 23.48
C HIS B 183 -25.64 7.80 23.76
N PHE B 184 -25.78 8.79 22.89
CA PHE B 184 -25.03 10.02 23.06
C PHE B 184 -25.63 10.93 24.11
N LYS B 185 -26.90 10.76 24.45
CA LYS B 185 -27.42 11.42 25.64
C LYS B 185 -26.69 10.94 26.88
N GLN B 186 -26.43 9.63 26.98
CA GLN B 186 -25.66 9.11 28.10
C GLN B 186 -24.23 9.62 28.10
N VAL B 187 -23.64 9.72 26.91
CA VAL B 187 -22.28 10.24 26.81
C VAL B 187 -22.21 11.64 27.37
N ARG B 188 -23.13 12.51 26.93
CA ARG B 188 -23.11 13.88 27.41
C ARG B 188 -23.46 13.96 28.89
N ASP B 189 -24.43 13.14 29.34
CA ASP B 189 -24.79 13.13 30.75
C ASP B 189 -23.61 12.71 31.62
N ALA B 190 -22.73 11.85 31.11
CA ALA B 190 -21.54 11.45 31.85
C ALA B 190 -20.43 12.50 31.79
N GLY B 191 -20.60 13.56 31.01
CA GLY B 191 -19.60 14.60 30.93
C GLY B 191 -18.52 14.39 29.90
N LEU B 192 -18.69 13.45 28.97
CA LEU B 192 -17.68 13.21 27.97
C LEU B 192 -17.96 14.06 26.72
N HIS B 193 -16.89 14.34 25.97
CA HIS B 193 -16.97 15.01 24.69
C HIS B 193 -17.50 14.06 23.61
N VAL B 194 -17.90 14.65 22.48
CA VAL B 194 -18.56 13.90 21.40
C VAL B 194 -17.87 14.23 20.08
N THR B 195 -17.38 13.20 19.40
CA THR B 195 -17.02 13.27 17.98
C THR B 195 -17.78 12.17 17.27
N VAL B 196 -18.10 12.40 15.99
CA VAL B 196 -18.95 11.48 15.21
C VAL B 196 -18.38 11.37 13.78
N HIS B 197 -18.17 10.15 13.31
CA HIS B 197 -17.91 9.95 11.87
C HIS B 197 -19.18 10.30 11.12
N ALA B 198 -19.15 11.34 10.29
CA ALA B 198 -20.35 11.77 9.59
C ALA B 198 -19.96 12.49 8.30
N GLY B 199 -20.82 12.40 7.30
CA GLY B 199 -20.52 13.06 6.04
C GLY B 199 -19.39 12.39 5.29
N GLU B 200 -19.22 11.09 5.48
CA GLU B 200 -18.22 10.33 4.75
C GLU B 200 -18.92 9.54 3.65
N ALA B 201 -19.64 8.48 4.01
CA ALA B 201 -20.39 7.71 3.02
C ALA B 201 -21.80 8.26 2.79
N ALA B 202 -22.39 8.91 3.78
CA ALA B 202 -23.70 9.53 3.64
C ALA B 202 -23.51 11.02 3.36
N GLY B 203 -24.60 11.77 3.33
CA GLY B 203 -24.53 13.15 2.90
C GLY B 203 -24.33 14.12 4.04
N PRO B 204 -24.39 15.42 3.71
CA PRO B 204 -24.34 16.44 4.76
C PRO B 204 -25.48 16.35 5.76
N GLU B 205 -26.63 15.76 5.39
CA GLU B 205 -27.70 15.54 6.37
C GLU B 205 -27.20 14.76 7.58
N SER B 206 -26.27 13.83 7.37
CA SER B 206 -25.71 13.07 8.48
C SER B 206 -24.89 13.96 9.42
N MET B 207 -24.16 14.94 8.86
CA MET B 207 -23.41 15.88 9.70
C MET B 207 -24.33 16.77 10.51
N TRP B 208 -25.41 17.27 9.90
CA TRP B 208 -26.39 18.05 10.64
C TRP B 208 -26.96 17.26 11.82
N GLN B 209 -27.27 15.98 11.59
CA GLN B 209 -27.84 15.14 12.64
C GLN B 209 -26.85 14.97 13.78
N ALA B 210 -25.58 14.77 13.47
CA ALA B 210 -24.56 14.61 14.50
C ALA B 210 -24.44 15.88 15.35
N ILE B 211 -24.44 17.04 14.70
CA ILE B 211 -24.36 18.31 15.42
C ILE B 211 -25.62 18.54 16.24
N ARG B 212 -26.79 18.48 15.60
CA ARG B 212 -28.00 18.90 16.29
C ARG B 212 -28.52 17.84 17.27
N ASP B 213 -28.37 16.56 16.96
CA ASP B 213 -29.05 15.53 17.75
C ASP B 213 -28.12 14.69 18.58
N LEU B 214 -26.86 14.55 18.17
CA LEU B 214 -25.89 13.84 18.97
C LEU B 214 -25.01 14.78 19.79
N GLY B 215 -25.03 16.07 19.50
CA GLY B 215 -24.19 17.02 20.22
C GLY B 215 -22.72 16.98 19.86
N ALA B 216 -22.37 16.55 18.64
CA ALA B 216 -20.97 16.50 18.23
C ALA B 216 -20.36 17.90 18.15
N THR B 217 -19.16 18.08 18.72
CA THR B 217 -18.39 19.30 18.52
C THR B 217 -17.21 19.10 17.57
N ARG B 218 -16.93 17.87 17.18
CA ARG B 218 -16.01 17.56 16.09
C ARG B 218 -16.67 16.50 15.23
N ILE B 219 -16.36 16.51 13.95
N ILE B 219 -16.37 16.49 13.95
CA ILE B 219 -16.87 15.53 12.99
CA ILE B 219 -16.89 15.50 13.01
C ILE B 219 -15.68 14.81 12.37
C ILE B 219 -15.73 14.81 12.32
N GLY B 220 -15.75 13.48 12.33
CA GLY B 220 -14.76 12.72 11.58
C GLY B 220 -15.08 12.82 10.09
N HIS B 221 -14.11 13.28 9.30
CA HIS B 221 -14.22 13.44 7.85
C HIS B 221 -15.07 14.63 7.45
N GLY B 222 -16.40 14.49 7.45
CA GLY B 222 -17.28 15.58 7.08
C GLY B 222 -17.08 16.11 5.67
N VAL B 223 -16.54 15.30 4.75
N VAL B 223 -16.55 15.27 4.77
CA VAL B 223 -16.19 15.82 3.42
CA VAL B 223 -16.20 15.70 3.41
C VAL B 223 -17.41 16.22 2.61
C VAL B 223 -17.41 16.23 2.65
N LYS B 224 -18.59 15.65 2.89
CA LYS B 224 -19.77 16.03 2.12
C LYS B 224 -20.32 17.41 2.50
N ALA B 225 -19.76 18.08 3.52
CA ALA B 225 -20.23 19.43 3.80
C ALA B 225 -19.93 20.40 2.67
N ILE B 226 -18.99 20.05 1.78
CA ILE B 226 -18.62 20.93 0.68
C ILE B 226 -19.78 21.17 -0.28
N HIS B 227 -20.82 20.33 -0.22
CA HIS B 227 -22.00 20.49 -1.05
C HIS B 227 -23.11 21.31 -0.38
N ASP B 228 -22.90 21.80 0.84
CA ASP B 228 -23.97 22.44 1.62
C ASP B 228 -23.45 23.78 2.15
N PRO B 229 -23.65 24.87 1.41
CA PRO B 229 -23.06 26.15 1.84
C PRO B 229 -23.57 26.61 3.20
N LYS B 230 -24.82 26.31 3.53
CA LYS B 230 -25.33 26.62 4.86
C LYS B 230 -24.57 25.86 5.95
N LEU B 231 -24.29 24.57 5.70
CA LEU B 231 -23.53 23.79 6.67
C LEU B 231 -22.11 24.34 6.81
N MET B 232 -21.52 24.74 5.69
N MET B 232 -21.51 24.77 5.72
CA MET B 232 -20.20 25.37 5.70
CA MET B 232 -20.17 25.32 5.81
C MET B 232 -20.18 26.58 6.63
C MET B 232 -20.15 26.60 6.64
N ASP B 233 -21.15 27.47 6.46
CA ASP B 233 -21.25 28.65 7.30
C ASP B 233 -21.39 28.26 8.78
N TYR B 234 -22.26 27.29 9.06
CA TYR B 234 -22.46 26.83 10.43
C TYR B 234 -21.16 26.28 11.04
N LEU B 235 -20.46 25.40 10.31
CA LEU B 235 -19.19 24.87 10.79
C LEU B 235 -18.23 25.99 11.18
N ALA B 236 -18.10 27.00 10.32
CA ALA B 236 -17.18 28.10 10.61
C ALA B 236 -17.68 28.94 11.78
N GLN B 237 -18.98 29.26 11.80
N GLN B 237 -18.99 29.22 11.82
CA GLN B 237 -19.50 30.13 12.85
CA GLN B 237 -19.51 30.13 12.83
C GLN B 237 -19.41 29.48 14.22
C GLN B 237 -19.50 29.50 14.22
N HIS B 238 -19.73 28.19 14.30
CA HIS B 238 -19.80 27.52 15.59
C HIS B 238 -18.52 26.79 15.95
N ARG B 239 -17.48 26.93 15.13
N ARG B 239 -17.46 26.95 15.17
CA ARG B 239 -16.16 26.36 15.40
CA ARG B 239 -16.15 26.36 15.46
C ARG B 239 -16.25 24.86 15.62
C ARG B 239 -16.24 24.84 15.64
N ILE B 240 -17.06 24.20 14.80
CA ILE B 240 -17.15 22.75 14.81
C ILE B 240 -15.90 22.18 14.15
N GLY B 241 -15.21 21.29 14.84
CA GLY B 241 -13.99 20.73 14.28
C GLY B 241 -14.28 19.75 13.15
N ILE B 242 -13.43 19.79 12.12
CA ILE B 242 -13.46 18.81 11.03
C ILE B 242 -12.15 18.02 11.09
N GLU B 243 -12.24 16.71 11.33
CA GLU B 243 -11.06 15.85 11.40
C GLU B 243 -10.80 15.29 10.01
N SER B 244 -9.88 15.91 9.27
CA SER B 244 -9.62 15.49 7.89
C SER B 244 -8.57 14.38 7.83
N CYS B 245 -8.83 13.40 6.97
CA CYS B 245 -7.98 12.22 6.79
C CYS B 245 -7.80 12.08 5.28
N LEU B 246 -6.72 12.67 4.76
CA LEU B 246 -6.57 12.79 3.30
C LEU B 246 -6.49 11.42 2.63
N THR B 247 -5.47 10.63 2.98
CA THR B 247 -5.29 9.31 2.35
C THR B 247 -6.51 8.42 2.57
N SER B 248 -7.04 8.41 3.79
CA SER B 248 -8.21 7.59 4.09
C SER B 248 -9.36 7.88 3.13
N ASN B 249 -9.66 9.16 2.88
CA ASN B 249 -10.77 9.48 1.99
C ASN B 249 -10.51 9.03 0.56
N LEU B 250 -9.25 8.99 0.12
N LEU B 250 -9.25 8.96 0.12
CA LEU B 250 -8.95 8.42 -1.19
CA LEU B 250 -9.02 8.43 -1.21
C LEU B 250 -9.18 6.92 -1.18
C LEU B 250 -9.09 6.90 -1.24
N GLN B 251 -8.75 6.25 -0.12
CA GLN B 251 -8.74 4.80 -0.10
C GLN B 251 -10.11 4.19 0.14
N THR B 252 -11.07 4.97 0.66
CA THR B 252 -12.47 4.54 0.70
C THR B 252 -13.23 4.94 -0.56
N SER B 253 -12.58 5.65 -1.49
CA SER B 253 -13.20 6.24 -2.68
C SER B 253 -14.22 7.31 -2.33
N THR B 254 -14.16 7.82 -1.10
CA THR B 254 -15.03 8.92 -0.71
C THR B 254 -14.72 10.19 -1.48
N VAL B 255 -13.45 10.47 -1.72
N VAL B 255 -13.44 10.41 -1.78
CA VAL B 255 -13.10 11.54 -2.64
CA VAL B 255 -12.96 11.56 -2.56
C VAL B 255 -12.42 10.90 -3.83
C VAL B 255 -12.23 11.02 -3.79
N ASP B 256 -12.50 11.59 -4.96
CA ASP B 256 -11.95 11.05 -6.20
C ASP B 256 -10.45 11.28 -6.33
N SER B 257 -9.93 12.39 -5.78
CA SER B 257 -8.52 12.69 -5.92
C SER B 257 -8.14 13.72 -4.85
N LEU B 258 -6.86 13.75 -4.51
CA LEU B 258 -6.43 14.71 -3.50
C LEU B 258 -6.67 16.14 -3.97
N ALA B 259 -6.52 16.40 -5.27
CA ALA B 259 -6.71 17.77 -5.73
C ALA B 259 -8.15 18.24 -5.54
N THR B 260 -9.12 17.32 -5.50
CA THR B 260 -10.50 17.68 -5.27
C THR B 260 -10.94 17.43 -3.84
N HIS B 261 -10.01 17.16 -2.93
CA HIS B 261 -10.38 17.02 -1.53
C HIS B 261 -10.82 18.37 -0.98
N PRO B 262 -11.86 18.41 -0.12
CA PRO B 262 -12.37 19.70 0.36
C PRO B 262 -11.54 20.39 1.44
N LEU B 263 -10.47 19.75 1.95
CA LEU B 263 -9.71 20.35 3.04
C LEU B 263 -9.31 21.81 2.73
N LYS B 264 -8.78 22.05 1.54
CA LYS B 264 -8.33 23.42 1.21
C LYS B 264 -9.49 24.40 1.27
N ARG B 265 -10.63 24.04 0.67
CA ARG B 265 -11.78 24.93 0.71
C ARG B 265 -12.33 25.11 2.13
N PHE B 266 -12.30 24.05 2.96
CA PHE B 266 -12.67 24.23 4.36
C PHE B 266 -11.82 25.31 5.03
N LEU B 267 -10.49 25.20 4.88
CA LEU B 267 -9.61 26.16 5.52
C LEU B 267 -9.84 27.57 4.99
N GLU B 268 -10.08 27.69 3.68
CA GLU B 268 -10.36 28.99 3.09
C GLU B 268 -11.70 29.56 3.55
N HIS B 269 -12.62 28.71 4.00
CA HIS B 269 -13.88 29.15 4.57
C HIS B 269 -13.76 29.47 6.07
N GLY B 270 -12.57 29.38 6.65
CA GLY B 270 -12.44 29.60 8.08
C GLY B 270 -12.91 28.46 8.96
N ILE B 271 -12.98 27.25 8.44
CA ILE B 271 -13.41 26.11 9.23
C ILE B 271 -12.20 25.53 9.97
N LEU B 272 -12.41 25.12 11.21
CA LEU B 272 -11.34 24.45 11.98
C LEU B 272 -11.18 23.02 11.50
N ALA B 273 -10.40 22.83 10.44
CA ALA B 273 -10.09 21.52 9.92
C ALA B 273 -8.64 21.19 10.25
N CYS B 274 -8.39 19.94 10.63
CA CYS B 274 -7.07 19.48 11.06
C CYS B 274 -6.72 18.22 10.29
N ILE B 275 -5.41 17.88 10.30
CA ILE B 275 -4.85 16.79 9.50
C ILE B 275 -4.60 15.59 10.42
N ASN B 276 -5.05 14.41 10.00
CA ASN B 276 -5.01 13.20 10.83
C ASN B 276 -4.65 12.00 9.97
N THR B 277 -4.32 10.86 10.61
CA THR B 277 -3.98 9.65 9.87
C THR B 277 -5.18 8.72 9.61
N ASP B 278 -6.05 8.52 10.61
CA ASP B 278 -7.18 7.57 10.61
C ASP B 278 -6.75 6.14 10.97
N ASP B 279 -6.35 5.32 10.00
CA ASP B 279 -5.89 3.95 10.27
C ASP B 279 -4.53 3.76 9.62
N PRO B 280 -3.45 4.31 10.22
CA PRO B 280 -2.17 4.39 9.48
C PRO B 280 -1.63 3.04 8.99
N ALA B 281 -1.65 1.99 9.80
CA ALA B 281 -1.09 0.71 9.35
C ALA B 281 -1.86 0.14 8.16
N VAL B 282 -3.19 0.20 8.23
CA VAL B 282 -4.07 -0.27 7.15
C VAL B 282 -3.84 0.54 5.88
N GLU B 283 -3.66 1.85 6.02
CA GLU B 283 -3.51 2.72 4.85
C GLU B 283 -2.11 2.69 4.29
N GLY B 284 -1.14 2.24 5.07
CA GLY B 284 0.24 2.31 4.64
C GLY B 284 0.81 3.70 4.65
N ILE B 285 0.34 4.58 5.55
CA ILE B 285 0.89 5.92 5.67
C ILE B 285 1.24 6.19 7.13
N GLU B 286 1.74 7.40 7.37
CA GLU B 286 1.87 7.92 8.73
C GLU B 286 1.78 9.43 8.65
N LEU B 287 1.70 10.07 9.82
CA LEU B 287 1.35 11.48 9.85
C LEU B 287 2.33 12.38 9.09
N PRO B 288 3.66 12.23 9.22
CA PRO B 288 4.55 13.12 8.45
C PRO B 288 4.31 13.04 6.94
N TYR B 289 4.02 11.86 6.40
CA TYR B 289 3.69 11.74 4.98
C TYR B 289 2.44 12.53 4.61
N GLU B 290 1.40 12.50 5.46
CA GLU B 290 0.21 13.30 5.21
C GLU B 290 0.56 14.78 5.12
N TYR B 291 1.45 15.24 5.99
CA TYR B 291 1.87 16.65 6.00
C TYR B 291 2.75 16.98 4.81
N GLU B 292 3.64 16.05 4.44
CA GLU B 292 4.71 16.35 3.50
C GLU B 292 4.34 16.08 2.06
N VAL B 293 3.43 15.13 1.82
CA VAL B 293 3.10 14.67 0.47
C VAL B 293 1.61 14.84 0.18
N ALA B 294 0.74 14.27 1.03
CA ALA B 294 -0.68 14.28 0.74
C ALA B 294 -1.24 15.72 0.78
N ALA B 295 -0.91 16.48 1.82
CA ALA B 295 -1.44 17.83 1.95
C ALA B 295 -1.01 18.75 0.82
N PRO B 296 0.27 18.82 0.40
CA PRO B 296 0.57 19.58 -0.82
C PRO B 296 -0.18 19.09 -2.04
N GLN B 297 -0.35 17.76 -2.19
CA GLN B 297 -1.08 17.25 -3.34
C GLN B 297 -2.56 17.63 -3.28
N ALA B 298 -3.09 17.84 -2.08
CA ALA B 298 -4.43 18.37 -1.93
C ALA B 298 -4.51 19.87 -2.22
N GLY B 299 -3.40 20.50 -2.63
CA GLY B 299 -3.42 21.88 -3.04
C GLY B 299 -3.13 22.90 -1.95
N LEU B 300 -2.89 22.46 -0.71
CA LEU B 300 -2.62 23.39 0.38
C LEU B 300 -1.24 24.03 0.24
N SER B 301 -1.18 25.34 0.47
CA SER B 301 0.10 26.01 0.66
C SER B 301 0.71 25.62 2.00
N GLN B 302 1.98 25.97 2.21
CA GLN B 302 2.58 25.71 3.52
C GLN B 302 1.88 26.53 4.61
N GLU B 303 1.39 27.72 4.25
CA GLU B 303 0.64 28.53 5.21
C GLU B 303 -0.62 27.82 5.67
N GLN B 304 -1.35 27.19 4.73
CA GLN B 304 -2.57 26.47 5.10
C GLN B 304 -2.26 25.22 5.89
N ILE B 305 -1.18 24.52 5.55
CA ILE B 305 -0.79 23.33 6.31
C ILE B 305 -0.46 23.73 7.75
N ARG B 306 0.21 24.87 7.93
N ARG B 306 0.23 24.86 7.92
CA ARG B 306 0.52 25.35 9.27
CA ARG B 306 0.52 25.36 9.27
C ARG B 306 -0.75 25.72 10.03
C ARG B 306 -0.76 25.70 10.02
N GLN B 307 -1.72 26.33 9.34
CA GLN B 307 -3.00 26.65 9.99
C GLN B 307 -3.71 25.37 10.42
N ALA B 308 -3.69 24.35 9.55
CA ALA B 308 -4.29 23.06 9.91
C ALA B 308 -3.59 22.46 11.12
N GLN B 309 -2.26 22.56 11.19
CA GLN B 309 -1.53 22.06 12.35
C GLN B 309 -1.94 22.79 13.63
N LEU B 310 -2.06 24.12 13.55
CA LEU B 310 -2.57 24.88 14.68
C LEU B 310 -4.01 24.49 15.02
N ASN B 311 -4.83 24.20 14.00
CA ASN B 311 -6.21 23.82 14.26
C ASN B 311 -6.29 22.54 15.07
N GLY B 312 -5.38 21.59 14.84
CA GLY B 312 -5.38 20.36 15.62
C GLY B 312 -5.13 20.61 17.09
N LEU B 313 -4.23 21.53 17.41
CA LEU B 313 -4.04 21.93 18.79
C LEU B 313 -5.33 22.51 19.35
N GLU B 314 -5.98 23.40 18.60
CA GLU B 314 -7.15 24.08 19.12
C GLU B 314 -8.33 23.13 19.31
N LEU B 315 -8.41 22.06 18.51
CA LEU B 315 -9.54 21.12 18.55
C LEU B 315 -9.36 19.98 19.55
N ALA B 316 -8.15 19.79 20.07
CA ALA B 316 -7.87 18.72 21.02
C ALA B 316 -8.83 18.79 22.20
N PHE B 317 -9.22 17.62 22.71
CA PHE B 317 -10.08 17.55 23.90
C PHE B 317 -9.21 17.75 25.16
N LEU B 318 -8.69 18.97 25.28
CA LEU B 318 -7.82 19.38 26.36
C LEU B 318 -8.28 20.72 26.91
N SER B 319 -7.89 21.00 28.15
CA SER B 319 -8.15 22.31 28.73
C SER B 319 -7.27 23.37 28.06
N ASP B 320 -7.65 24.64 28.24
CA ASP B 320 -6.83 25.72 27.72
C ASP B 320 -5.45 25.75 28.37
N SER B 321 -5.39 25.42 29.67
N SER B 321 -5.38 25.42 29.66
CA SER B 321 -4.09 25.26 30.32
CA SER B 321 -4.09 25.27 30.33
C SER B 321 -3.21 24.24 29.61
C SER B 321 -3.21 24.24 29.61
N GLU B 322 -3.77 23.06 29.31
CA GLU B 322 -2.99 22.02 28.64
C GLU B 322 -2.62 22.41 27.21
N LYS B 323 -3.51 23.14 26.52
CA LYS B 323 -3.19 23.61 25.18
C LYS B 323 -2.08 24.66 25.21
N LYS B 324 -2.13 25.59 26.17
CA LYS B 324 -1.05 26.56 26.32
C LYS B 324 0.28 25.84 26.55
N ALA B 325 0.28 24.83 27.42
CA ALA B 325 1.53 24.14 27.75
C ALA B 325 2.09 23.41 26.54
N LEU B 326 1.23 22.80 25.71
CA LEU B 326 1.71 22.17 24.48
C LEU B 326 2.34 23.19 23.54
N LEU B 327 1.67 24.34 23.34
CA LEU B 327 2.25 25.38 22.51
C LEU B 327 3.59 25.84 23.06
N ALA B 328 3.68 26.00 24.39
CA ALA B 328 4.91 26.49 24.99
C ALA B 328 6.04 25.48 24.87
N LYS B 329 5.71 24.18 24.98
CA LYS B 329 6.73 23.15 24.85
C LYS B 329 7.28 23.09 23.42
N ALA B 330 6.41 23.19 22.42
CA ALA B 330 6.87 23.12 21.05
C ALA B 330 7.62 24.39 20.64
N ALA B 331 7.26 25.55 21.20
CA ALA B 331 7.82 26.83 20.75
C ALA B 331 9.33 26.91 20.87
N LEU B 332 9.94 26.09 21.71
CA LEU B 332 11.39 26.14 21.86
C LEU B 332 12.15 25.32 20.82
N ARG B 333 11.46 24.63 19.92
CA ARG B 333 12.08 23.77 18.93
C ARG B 333 12.19 24.47 17.58
N GLY B 334 12.93 23.86 16.66
CA GLY B 334 13.00 24.34 15.29
C GLY B 334 14.39 24.74 14.82
N1 DCF C . 8.61 -1.60 -12.91
C2 DCF C . 9.91 -1.22 -13.02
N3 DCF C . 10.14 -0.65 -14.22
C9 DCF C . 7.94 -1.29 -14.04
C10 DCF C . 8.98 -0.64 -14.87
N4 DCF C . 8.85 -0.12 -16.14
C5 DCF C . 7.79 0.04 -16.81
N6 DCF C . 6.53 -0.22 -16.45
C7 DCF C . 6.02 -0.28 -15.09
C8 DCF C . 6.50 -1.51 -14.33
O8 DCF C . 6.25 -2.75 -15.07
C2S DCF C . 12.02 0.95 -13.79
C3S DCF C . 13.51 0.71 -13.97
O3S DCF C . 13.88 1.33 -15.20
O5S DCF C . 13.79 -2.90 -12.93
C5S DCF C . 13.97 -1.49 -12.82
C4S DCF C . 13.65 -0.79 -14.15
O4S DCF C . 12.39 -1.24 -14.62
C1S DCF C . 11.46 -0.14 -14.70
ZN ZN D . 7.66 -4.28 -15.23
S CXS E . 16.72 -23.44 -13.32
O1 CXS E . 17.06 -25.03 -13.38
O2 CXS E . 16.99 -22.96 -11.99
O3 CXS E . 15.34 -23.26 -13.69
C1 CXS E . 17.69 -22.61 -14.43
C2 CXS E . 19.18 -22.64 -14.05
C3 CXS E . 19.63 -21.56 -13.05
N CXS E . 19.84 -20.25 -13.65
C4 CXS E . 20.21 -19.10 -12.83
C5 CXS E . 20.85 -19.54 -11.51
C6 CXS E . 21.20 -18.36 -10.59
C7 CXS E . 21.49 -17.08 -11.37
C8 CXS E . 22.07 -17.35 -12.75
C9 CXS E . 21.11 -18.15 -13.62
C FMT F . 30.56 -0.14 -16.66
O1 FMT F . 30.99 -1.22 -16.25
O2 FMT F . 30.37 0.84 -15.94
S SO4 G . 21.41 -20.55 -17.09
O1 SO4 G . 21.24 -19.22 -17.69
O2 SO4 G . 22.22 -21.39 -17.97
O3 SO4 G . 20.10 -21.17 -16.93
O4 SO4 G . 22.07 -20.43 -15.78
P PO4 H . 24.51 -21.80 -12.66
O1 PO4 H . 25.28 -23.10 -12.64
O2 PO4 H . 24.05 -21.50 -14.07
O3 PO4 H . 25.41 -20.69 -12.19
O4 PO4 H . 23.32 -21.90 -11.73
C1 GOL I . 31.18 -17.19 -16.40
O1 GOL I . 31.23 -18.32 -17.24
C2 GOL I . 31.76 -17.57 -14.99
O2 GOL I . 31.77 -16.48 -14.13
C3 GOL I . 30.89 -18.73 -14.44
O3 GOL I . 31.12 -19.86 -15.23
N1 DCF J . -11.59 3.46 10.53
C2 DCF J . -12.07 2.59 11.45
N3 DCF J . -13.40 2.69 11.54
C9 DCF J . -12.61 4.16 9.97
C10 DCF J . -13.78 3.61 10.67
N4 DCF J . -15.10 3.98 10.49
C5 DCF J . -15.59 4.79 9.64
N6 DCF J . -14.96 5.46 8.66
C7 DCF J . -13.74 5.05 8.01
C8 DCF J . -12.52 5.19 8.91
O8 DCF J . -12.48 6.55 9.42
C2S DCF J . -14.12 0.41 12.21
C3S DCF J . -14.39 -0.13 13.58
O3S DCF J . -15.80 -0.05 13.79
O5S DCF J . -11.78 1.66 15.60
C5S DCF J . -12.35 0.54 14.90
C4S DCF J . -13.78 0.88 14.53
O4S DCF J . -13.79 2.11 13.80
C1S DCF J . -14.27 1.91 12.45
ZN ZN K . -12.00 7.01 11.48
S CXS L . -1.82 14.27 28.67
O1 CXS L . -0.87 12.96 28.41
O2 CXS L . -1.82 15.18 27.55
O3 CXS L . -1.31 14.99 29.79
C1 CXS L . -3.37 13.74 28.95
C2 CXS L . -3.49 12.93 30.25
C3 CXS L . -3.18 11.44 30.08
N CXS L . -4.35 10.66 29.71
C4 CXS L . -4.31 9.27 29.25
C5 CXS L . -2.92 8.65 29.45
C6 CXS L . -2.97 7.20 29.93
C7 CXS L . -4.07 6.41 29.23
C8 CXS L . -5.46 6.99 29.52
C9 CXS L . -5.41 8.45 29.92
C FMT M . 9.83 25.12 11.24
O1 FMT M . 9.81 23.92 10.93
O2 FMT M . 9.75 25.56 12.40
NA NA N . -0.40 -0.91 0.88
C1 EDO O . -18.70 -8.44 28.84
O1 EDO O . -18.40 -8.55 27.44
C2 EDO O . -19.01 -6.99 29.17
O2 EDO O . -17.89 -6.45 29.89
C1 GOL P . -29.69 -3.51 13.95
O1 GOL P . -28.68 -4.48 13.96
C2 GOL P . -29.49 -2.62 15.22
O2 GOL P . -29.69 -1.24 14.96
C3 GOL P . -30.41 -3.21 16.37
O3 GOL P . -29.59 -3.78 17.39
P PO4 Q . -3.52 9.16 34.27
O1 PO4 Q . -2.90 7.83 33.86
O2 PO4 Q . -3.02 10.24 33.35
O3 PO4 Q . -3.09 9.47 35.68
O4 PO4 Q . -5.03 9.07 34.18
S CXS R . -7.44 12.11 31.76
O1 CXS R . -6.40 10.88 31.63
O2 CXS R . -6.88 13.31 31.18
O3 CXS R . -7.71 12.33 33.16
C1 CXS R . -8.88 11.76 30.99
C2 CXS R . -10.03 12.24 31.87
C3 CXS R . -11.28 12.55 31.06
N CXS R . -12.50 12.03 31.65
C4 CXS R . -13.48 12.95 32.20
C5 CXS R . -13.94 13.91 31.11
C6 CXS R . -14.81 15.02 31.71
C7 CXS R . -15.72 14.50 32.83
C8 CXS R . -15.98 12.99 32.72
C9 CXS R . -14.67 12.20 32.79
#